data_6BTJ
#
_entry.id   6BTJ
#
_cell.length_a   65.510
_cell.length_b   99.038
_cell.length_c   208.565
_cell.angle_alpha   90.00
_cell.angle_beta   90.00
_cell.angle_gamma   90.00
#
_symmetry.space_group_name_H-M   'P 2 21 21'
#
loop_
_entity.id
_entity.type
_entity.pdbx_description
1 polymer 'Heavy chain of H7.5 Fab'
2 polymer 'Light chain of H7.5 Fab'
3 water water
#
loop_
_entity_poly.entity_id
_entity_poly.type
_entity_poly.pdbx_seq_one_letter_code
_entity_poly.pdbx_strand_id
1 'polypeptide(L)'
;QVQLVQSGAEVKKPGASVKVSCKASGYTLTRYYFHWVRQAPGQGFEWMGIINPNGGGTSYAQKFGDRVIMTSDMSTSTIY
MELSSLRSEDTAVYYCARDMPYYHDSGGPLFDLWGQGTLVTVSSASTKGPSVFPLAPSSKSTSGGTAALGCLVKDYFPEP
VTVSWNSGALTSGVHTFPAVLQSSGLYSLSSVVTVPSSSLGTQTYICNVNHKPSNTKVDKRVEPKSCHHHHHH
;
A,H
2 'polypeptide(L)'
;EIVMTQSPSSLSASVGDRVTITCRPSQSISTFLNWYEQKPGKAPKLLIYDASSLQSGVPSRFSGSGSGTEFTLTISSLQP
EDFATYYCQQSFSTPYTFGQGTRLEIKRTVAAPSVFIFPPSDEQLKSGTASVVCLLNNFYPREAKVQWKVDNALQSGNSQ
ESVTEQDSKDSTYSLSSTLTLSKADYEKHKVYACEVTHQGLSSPVTKSFNRGEC
;
B,L
#
# COMPACT_ATOMS: atom_id res chain seq x y z
N VAL A 2 12.06 -4.97 7.04
CA VAL A 2 12.59 -6.25 6.59
C VAL A 2 13.52 -6.07 5.42
N GLN A 3 14.24 -7.15 5.10
CA GLN A 3 15.40 -7.05 4.23
C GLN A 3 15.59 -8.38 3.51
N LEU A 4 15.91 -8.33 2.22
CA LEU A 4 16.06 -9.55 1.42
C LEU A 4 17.55 -9.80 1.23
N VAL A 5 18.07 -10.88 1.83
CA VAL A 5 19.51 -11.14 1.87
C VAL A 5 19.81 -12.33 0.96
N GLN A 6 20.59 -12.09 -0.09
CA GLN A 6 20.89 -13.11 -1.08
C GLN A 6 22.25 -13.73 -0.81
N SER A 7 22.47 -14.93 -1.36
CA SER A 7 23.74 -15.62 -1.23
C SER A 7 24.82 -14.91 -2.08
N GLY A 8 26.06 -15.32 -1.86
CA GLY A 8 27.22 -14.65 -2.42
C GLY A 8 27.53 -15.02 -3.85
N ALA A 9 28.53 -14.36 -4.40
CA ALA A 9 28.83 -14.50 -5.82
C ALA A 9 29.17 -15.95 -6.19
N GLU A 10 28.87 -16.30 -7.43
CA GLU A 10 29.08 -17.64 -7.97
C GLU A 10 29.83 -17.56 -9.29
N VAL A 11 30.72 -18.52 -9.52
CA VAL A 11 31.43 -18.67 -10.79
C VAL A 11 31.22 -20.10 -11.28
N LYS A 12 30.76 -20.23 -12.52
CA LYS A 12 30.33 -21.50 -13.06
C LYS A 12 30.83 -21.65 -14.49
N LYS A 13 31.02 -22.94 -14.94
CA LYS A 13 31.35 -23.29 -16.30
C LYS A 13 30.08 -23.44 -17.14
N PRO A 14 30.16 -23.19 -18.44
CA PRO A 14 28.99 -23.41 -19.30
C PRO A 14 28.48 -24.84 -19.17
N GLY A 15 27.16 -24.98 -19.11
CA GLY A 15 26.53 -26.27 -18.91
C GLY A 15 26.26 -26.61 -17.46
N ALA A 16 26.88 -25.91 -16.51
CA ALA A 16 26.58 -26.22 -15.13
C ALA A 16 25.23 -25.61 -14.80
N SER A 17 24.85 -25.70 -13.53
CA SER A 17 23.68 -25.02 -13.03
C SER A 17 24.09 -24.22 -11.81
N VAL A 18 23.26 -23.26 -11.43
CA VAL A 18 23.51 -22.41 -10.27
C VAL A 18 22.21 -22.27 -9.48
N LYS A 19 22.34 -22.20 -8.15
CA LYS A 19 21.18 -22.05 -7.27
C LYS A 19 21.44 -20.88 -6.33
N VAL A 20 20.67 -19.81 -6.51
CA VAL A 20 20.81 -18.58 -5.72
C VAL A 20 19.70 -18.54 -4.68
N SER A 21 20.05 -18.15 -3.45
CA SER A 21 19.08 -18.05 -2.38
C SER A 21 18.77 -16.59 -2.04
N CYS A 22 17.61 -16.39 -1.44
CA CYS A 22 17.10 -15.08 -1.06
C CYS A 22 16.35 -15.26 0.25
N LYS A 23 16.92 -14.78 1.34
CA LYS A 23 16.36 -14.98 2.67
C LYS A 23 15.47 -13.80 3.02
N ALA A 24 14.25 -14.09 3.47
CA ALA A 24 13.27 -13.07 3.80
C ALA A 24 12.84 -13.33 5.23
N SER A 25 11.54 -13.35 5.47
CA SER A 25 11.00 -13.67 6.79
C SER A 25 9.73 -14.51 6.65
N GLY A 26 9.25 -15.04 7.79
CA GLY A 26 8.03 -15.85 7.76
C GLY A 26 6.82 -15.06 7.30
N TYR A 27 6.63 -13.86 7.85
CA TYR A 27 5.54 -13.00 7.39
C TYR A 27 5.66 -12.69 5.91
N THR A 28 6.86 -12.32 5.47
CA THR A 28 7.08 -11.94 4.07
C THR A 28 6.78 -13.08 3.11
N LEU A 29 7.27 -14.29 3.40
CA LEU A 29 7.02 -15.40 2.49
C LEU A 29 5.54 -15.73 2.39
N THR A 30 4.82 -15.64 3.51
CA THR A 30 3.41 -16.01 3.49
C THR A 30 2.50 -14.91 2.94
N ARG A 31 2.95 -13.65 2.89
CA ARG A 31 2.06 -12.56 2.50
C ARG A 31 2.32 -12.01 1.12
N TYR A 32 3.41 -12.40 0.45
CA TYR A 32 3.81 -11.84 -0.83
C TYR A 32 4.27 -12.93 -1.79
N TYR A 33 4.04 -12.70 -3.08
CA TYR A 33 4.75 -13.39 -4.14
C TYR A 33 6.13 -12.76 -4.33
N PHE A 34 7.04 -13.53 -4.91
CA PHE A 34 8.40 -13.10 -5.17
C PHE A 34 8.78 -13.35 -6.61
N HIS A 35 9.64 -12.50 -7.15
CA HIS A 35 10.11 -12.59 -8.51
C HIS A 35 11.63 -12.63 -8.51
N TRP A 36 12.19 -13.08 -9.62
CA TRP A 36 13.62 -12.95 -9.90
C TRP A 36 13.81 -12.15 -11.16
N VAL A 37 14.73 -11.19 -11.10
CA VAL A 37 15.06 -10.30 -12.21
C VAL A 37 16.58 -10.22 -12.30
N ARG A 38 17.11 -10.29 -13.51
CA ARG A 38 18.55 -10.24 -13.65
C ARG A 38 18.95 -9.03 -14.47
N GLN A 39 20.20 -8.62 -14.29
CA GLN A 39 20.77 -7.44 -14.95
C GLN A 39 22.19 -7.76 -15.39
N ALA A 40 22.41 -7.87 -16.69
CA ALA A 40 23.75 -8.17 -17.16
C ALA A 40 24.60 -6.90 -17.11
N PRO A 41 25.93 -7.04 -17.02
CA PRO A 41 26.81 -5.85 -16.89
C PRO A 41 26.51 -4.77 -17.92
N GLY A 42 26.28 -3.56 -17.43
CA GLY A 42 25.96 -2.42 -18.27
C GLY A 42 24.65 -2.50 -19.05
N GLN A 43 23.83 -3.49 -18.70
CA GLN A 43 22.58 -3.76 -19.39
C GLN A 43 21.38 -3.37 -18.52
N GLY A 44 20.20 -3.57 -19.09
CA GLY A 44 18.95 -3.40 -18.38
C GLY A 44 18.54 -4.67 -17.67
N PHE A 45 17.26 -4.72 -17.34
CA PHE A 45 16.72 -5.80 -16.54
C PHE A 45 15.95 -6.79 -17.42
N GLU A 46 16.00 -8.04 -17.01
CA GLU A 46 15.24 -9.11 -17.66
C GLU A 46 14.47 -9.87 -16.60
N TRP A 47 13.15 -9.85 -16.70
CA TRP A 47 12.28 -10.56 -15.76
C TRP A 47 12.35 -12.06 -16.03
N MET A 48 12.49 -12.85 -14.98
CA MET A 48 12.58 -14.31 -15.17
C MET A 48 11.32 -15.07 -14.77
N GLY A 49 10.61 -14.63 -13.74
CA GLY A 49 9.41 -15.34 -13.34
C GLY A 49 9.01 -15.01 -11.91
N ILE A 50 7.95 -15.68 -11.47
CA ILE A 50 7.29 -15.38 -10.20
C ILE A 50 6.98 -16.68 -9.46
N ILE A 51 7.14 -16.67 -8.13
CA ILE A 51 6.80 -17.82 -7.30
C ILE A 51 5.86 -17.38 -6.18
N ASN A 52 4.86 -18.22 -5.89
CA ASN A 52 4.03 -18.08 -4.69
C ASN A 52 4.57 -19.00 -3.63
N PRO A 53 5.27 -18.50 -2.61
CA PRO A 53 5.84 -19.40 -1.59
C PRO A 53 4.80 -20.27 -0.89
N ASN A 54 3.53 -19.88 -0.89
CA ASN A 54 2.50 -20.78 -0.33
C ASN A 54 2.10 -21.80 -1.40
N GLY A 55 2.71 -22.98 -1.35
CA GLY A 55 2.43 -24.04 -2.30
C GLY A 55 3.37 -24.08 -3.50
N GLY A 56 4.18 -23.03 -3.70
CA GLY A 56 5.21 -23.04 -4.72
C GLY A 56 4.73 -22.97 -6.15
N GLY A 57 3.53 -22.46 -6.41
CA GLY A 57 3.13 -22.22 -7.79
C GLY A 57 4.04 -21.19 -8.43
N THR A 58 4.34 -21.38 -9.73
CA THR A 58 5.27 -20.50 -10.42
C THR A 58 4.77 -20.17 -11.81
N SER A 59 5.40 -19.14 -12.39
CA SER A 59 5.17 -18.82 -13.79
C SER A 59 6.45 -18.17 -14.31
N TYR A 60 7.03 -18.73 -15.36
CA TYR A 60 8.33 -18.32 -15.85
C TYR A 60 8.23 -17.60 -17.19
N ALA A 61 9.17 -16.69 -17.44
CA ALA A 61 9.28 -16.10 -18.77
C ALA A 61 9.62 -17.18 -19.79
N GLN A 62 8.96 -17.11 -20.94
CA GLN A 62 9.17 -18.08 -22.02
C GLN A 62 10.66 -18.30 -22.32
N LYS A 63 11.48 -17.28 -22.15
CA LYS A 63 12.91 -17.40 -22.43
C LYS A 63 13.64 -18.32 -21.45
N PHE A 64 13.10 -18.52 -20.24
CA PHE A 64 13.76 -19.33 -19.22
C PHE A 64 12.99 -20.57 -18.78
N GLY A 65 11.76 -20.76 -19.27
CA GLY A 65 10.87 -21.85 -18.90
C GLY A 65 11.46 -23.23 -18.79
N ASP A 66 12.38 -23.56 -19.69
CA ASP A 66 12.90 -24.93 -19.69
C ASP A 66 14.09 -25.12 -18.77
N ARG A 67 14.68 -24.05 -18.21
CA ARG A 67 15.87 -24.27 -17.38
C ARG A 67 15.94 -23.42 -16.10
N VAL A 68 14.84 -22.86 -15.62
CA VAL A 68 14.82 -22.20 -14.32
C VAL A 68 13.78 -22.90 -13.43
N ILE A 69 14.14 -23.11 -12.16
CA ILE A 69 13.23 -23.66 -11.15
C ILE A 69 13.33 -22.77 -9.92
N MET A 70 12.18 -22.24 -9.50
CA MET A 70 12.07 -21.41 -8.31
C MET A 70 11.33 -22.22 -7.24
N THR A 71 11.90 -22.26 -6.04
CA THR A 71 11.31 -23.02 -4.94
C THR A 71 11.41 -22.17 -3.70
N SER A 72 10.71 -22.58 -2.64
CA SER A 72 10.82 -21.90 -1.36
C SER A 72 10.83 -22.93 -0.25
N ASP A 73 11.46 -22.56 0.85
CA ASP A 73 11.55 -23.37 2.07
C ASP A 73 11.05 -22.51 3.24
N MET A 74 9.81 -22.74 3.66
CA MET A 74 9.24 -21.89 4.71
C MET A 74 9.94 -22.09 6.06
N SER A 75 10.48 -23.28 6.31
CA SER A 75 11.19 -23.54 7.55
C SER A 75 12.40 -22.64 7.71
N THR A 76 12.90 -22.07 6.63
CA THR A 76 14.08 -21.23 6.70
C THR A 76 13.83 -19.84 6.11
N SER A 77 12.56 -19.50 5.84
CA SER A 77 12.15 -18.25 5.21
C SER A 77 13.04 -17.90 4.01
N THR A 78 13.29 -18.89 3.13
CA THR A 78 14.21 -18.68 2.02
C THR A 78 13.59 -19.09 0.69
N ILE A 79 13.83 -18.24 -0.31
CA ILE A 79 13.44 -18.51 -1.69
C ILE A 79 14.69 -18.85 -2.47
N TYR A 80 14.54 -19.74 -3.46
CA TYR A 80 15.68 -20.16 -4.27
C TYR A 80 15.33 -20.01 -5.74
N MET A 81 16.36 -19.75 -6.55
CA MET A 81 16.22 -19.71 -8.00
C MET A 81 17.34 -20.58 -8.54
N GLU A 82 17.00 -21.63 -9.28
CA GLU A 82 18.04 -22.49 -9.84
C GLU A 82 17.98 -22.39 -11.36
N LEU A 83 19.10 -22.02 -11.96
CA LEU A 83 19.18 -21.82 -13.39
C LEU A 83 20.13 -22.89 -13.95
N SER A 84 19.65 -23.66 -14.92
CA SER A 84 20.40 -24.80 -15.45
C SER A 84 20.93 -24.52 -16.85
N SER A 85 21.78 -25.43 -17.32
CA SER A 85 22.36 -25.36 -18.66
C SER A 85 22.92 -23.98 -18.93
N LEU A 86 23.77 -23.52 -18.02
CA LEU A 86 24.25 -22.14 -18.06
C LEU A 86 25.09 -21.88 -19.30
N ARG A 87 25.04 -20.64 -19.80
CA ARG A 87 26.00 -20.22 -20.80
C ARG A 87 26.52 -18.82 -20.45
N SER A 88 27.59 -18.41 -21.14
CA SER A 88 28.30 -17.19 -20.76
C SER A 88 27.37 -15.97 -20.74
N GLU A 89 26.40 -15.91 -21.67
CA GLU A 89 25.42 -14.84 -21.65
C GLU A 89 24.53 -14.87 -20.40
N ASP A 90 24.56 -15.94 -19.59
CA ASP A 90 23.82 -15.85 -18.33
C ASP A 90 24.62 -15.10 -17.26
N THR A 91 25.80 -14.59 -17.60
CA THR A 91 26.58 -13.77 -16.68
C THR A 91 25.78 -12.51 -16.34
N ALA A 92 25.45 -12.33 -15.06
CA ALA A 92 24.58 -11.23 -14.68
C ALA A 92 24.50 -11.14 -13.17
N VAL A 93 23.95 -10.03 -12.69
CA VAL A 93 23.54 -9.91 -11.30
C VAL A 93 22.09 -10.34 -11.23
N TYR A 94 21.80 -11.32 -10.39
CA TYR A 94 20.46 -11.87 -10.20
C TYR A 94 19.85 -11.27 -8.94
N TYR A 95 18.64 -10.73 -9.07
CA TYR A 95 17.91 -10.11 -7.96
C TYR A 95 16.63 -10.88 -7.64
N CYS A 96 16.36 -11.07 -6.34
CA CYS A 96 15.02 -11.37 -5.86
C CYS A 96 14.29 -10.08 -5.51
N ALA A 97 13.00 -10.02 -5.85
CA ALA A 97 12.19 -8.85 -5.58
C ALA A 97 10.84 -9.27 -5.01
N ARG A 98 10.41 -8.57 -3.96
CA ARG A 98 9.11 -8.79 -3.35
C ARG A 98 8.03 -8.08 -4.16
N ASP A 99 6.85 -8.70 -4.28
CA ASP A 99 5.75 -8.19 -5.10
C ASP A 99 4.61 -7.70 -4.20
N MET A 100 4.48 -6.39 -4.07
CA MET A 100 3.40 -5.77 -3.29
C MET A 100 2.06 -5.93 -4.00
N PRO A 101 1.04 -6.51 -3.37
CA PRO A 101 -0.26 -6.58 -4.06
C PRO A 101 -0.80 -5.18 -4.30
N TYR A 102 -1.20 -4.94 -5.52
CA TYR A 102 -1.73 -3.67 -5.95
C TYR A 102 -2.41 -3.66 -7.31
N TYR A 103 -1.76 -4.16 -8.33
CA TYR A 103 -2.26 -4.21 -9.69
C TYR A 103 -3.30 -5.32 -9.87
N HIS A 104 -4.48 -5.08 -9.36
CA HIS A 104 -5.51 -6.07 -9.43
C HIS A 104 -6.03 -6.44 -10.78
N ASP A 105 -6.18 -5.49 -11.68
CA ASP A 105 -6.69 -5.69 -13.03
C ASP A 105 -5.79 -6.52 -13.93
N SER A 106 -4.51 -6.23 -13.92
CA SER A 106 -3.55 -6.90 -14.74
C SER A 106 -2.88 -8.08 -14.10
N GLY A 107 -2.76 -8.03 -12.79
CA GLY A 107 -2.10 -9.00 -12.01
C GLY A 107 -0.61 -8.77 -11.98
N GLY A 108 -0.14 -7.62 -12.42
CA GLY A 108 1.25 -7.34 -12.51
C GLY A 108 1.98 -7.02 -11.23
N PRO A 109 3.28 -6.93 -11.26
CA PRO A 109 3.99 -6.71 -10.03
C PRO A 109 4.26 -5.27 -9.59
N LEU A 110 4.54 -5.11 -8.33
CA LEU A 110 4.96 -3.88 -7.77
C LEU A 110 6.17 -4.23 -6.94
N PHE A 111 7.35 -4.08 -7.52
CA PHE A 111 8.62 -4.43 -6.91
C PHE A 111 9.08 -3.47 -5.82
N ASP A 112 8.44 -3.67 -4.71
CA ASP A 112 8.57 -3.01 -3.50
C ASP A 112 9.86 -3.03 -2.78
N LEU A 113 10.52 -4.13 -2.89
CA LEU A 113 11.72 -4.37 -2.10
C LEU A 113 12.58 -5.39 -2.84
N TRP A 114 13.88 -5.11 -2.95
CA TRP A 114 14.82 -5.90 -3.72
C TRP A 114 15.92 -6.43 -2.81
N GLY A 115 16.38 -7.65 -3.06
CA GLY A 115 17.63 -8.11 -2.49
C GLY A 115 18.82 -7.30 -3.03
N GLN A 116 19.98 -7.51 -2.40
CA GLN A 116 21.18 -6.79 -2.83
C GLN A 116 21.75 -7.32 -4.13
N GLY A 117 21.27 -8.46 -4.63
CA GLY A 117 21.79 -9.01 -5.88
C GLY A 117 22.90 -10.01 -5.63
N THR A 118 23.00 -11.01 -6.50
CA THR A 118 24.19 -11.85 -6.51
C THR A 118 24.71 -12.01 -7.92
N LEU A 119 26.01 -11.80 -8.04
CA LEU A 119 26.71 -11.92 -9.30
C LEU A 119 26.94 -13.38 -9.64
N VAL A 120 26.58 -13.79 -10.86
CA VAL A 120 26.91 -15.10 -11.37
C VAL A 120 27.74 -14.91 -12.64
N THR A 121 28.98 -15.40 -12.62
CA THR A 121 29.82 -15.37 -13.81
C THR A 121 29.87 -16.77 -14.41
N VAL A 122 29.57 -16.85 -15.70
CA VAL A 122 29.61 -18.12 -16.44
C VAL A 122 30.70 -18.00 -17.49
N SER A 123 31.73 -18.82 -17.38
CA SER A 123 32.82 -18.80 -18.32
C SER A 123 33.50 -20.16 -18.35
N SER A 124 34.12 -20.47 -19.48
CA SER A 124 34.95 -21.68 -19.54
C SER A 124 36.32 -21.47 -18.91
N ALA A 125 36.67 -20.23 -18.51
CA ALA A 125 37.98 -19.95 -17.94
C ALA A 125 38.13 -20.56 -16.54
N SER A 126 39.39 -20.75 -16.15
CA SER A 126 39.73 -21.25 -14.83
C SER A 126 40.38 -20.16 -13.98
N THR A 127 40.28 -20.34 -12.67
CA THR A 127 40.81 -19.38 -11.71
C THR A 127 42.31 -19.17 -11.97
N LYS A 128 42.73 -17.91 -11.93
CA LYS A 128 44.09 -17.55 -12.32
C LYS A 128 44.40 -16.16 -11.77
N GLY A 129 45.49 -16.04 -11.02
CA GLY A 129 45.90 -14.79 -10.44
C GLY A 129 46.52 -13.88 -11.49
N PRO A 130 46.55 -12.57 -11.23
CA PRO A 130 47.07 -11.65 -12.25
C PRO A 130 48.59 -11.60 -12.30
N SER A 131 49.10 -11.22 -13.46
CA SER A 131 50.43 -10.64 -13.53
C SER A 131 50.30 -9.12 -13.45
N VAL A 132 51.22 -8.48 -12.73
CA VAL A 132 51.20 -7.03 -12.53
C VAL A 132 52.43 -6.41 -13.19
N PHE A 133 52.19 -5.53 -14.15
CA PHE A 133 53.26 -4.90 -14.90
C PHE A 133 53.27 -3.40 -14.65
N PRO A 134 54.44 -2.78 -14.64
CA PRO A 134 54.50 -1.34 -14.39
C PRO A 134 54.01 -0.55 -15.59
N LEU A 135 53.37 0.58 -15.31
CA LEU A 135 53.15 1.63 -16.30
C LEU A 135 54.08 2.75 -15.82
N ALA A 136 55.30 2.77 -16.36
CA ALA A 136 56.37 3.61 -15.84
C ALA A 136 56.29 5.01 -16.42
N PRO A 137 56.47 6.06 -15.58
CA PRO A 137 56.37 7.50 -15.90
C PRO A 137 56.98 7.90 -17.23
N GLY A 145 53.79 19.95 -15.39
CA GLY A 145 54.38 19.67 -14.10
C GLY A 145 54.01 18.35 -13.48
N THR A 146 53.10 17.60 -14.10
CA THR A 146 52.50 16.41 -13.49
C THR A 146 52.88 15.16 -14.28
N ALA A 147 53.20 14.10 -13.55
CA ALA A 147 53.55 12.82 -14.16
C ALA A 147 52.53 11.77 -13.77
N ALA A 148 52.33 10.80 -14.66
CA ALA A 148 51.40 9.71 -14.44
C ALA A 148 52.17 8.38 -14.39
N LEU A 149 51.73 7.47 -13.53
CA LEU A 149 52.32 6.15 -13.42
C LEU A 149 51.21 5.19 -12.98
N GLY A 150 51.47 3.89 -13.08
CA GLY A 150 50.40 2.98 -12.74
C GLY A 150 50.83 1.54 -12.79
N CYS A 151 49.83 0.67 -12.71
CA CYS A 151 50.02 -0.78 -12.72
C CYS A 151 49.03 -1.38 -13.69
N LEU A 152 49.51 -2.27 -14.56
CA LEU A 152 48.64 -3.04 -15.42
C LEU A 152 48.45 -4.41 -14.78
N VAL A 153 47.21 -4.71 -14.39
CA VAL A 153 46.86 -5.94 -13.69
C VAL A 153 46.20 -6.84 -14.72
N LYS A 154 46.97 -7.79 -15.27
CA LYS A 154 46.59 -8.43 -16.52
C LYS A 154 46.37 -9.93 -16.33
N ASP A 155 45.37 -10.45 -17.06
CA ASP A 155 45.17 -11.88 -17.24
C ASP A 155 44.77 -12.61 -15.97
N TYR A 156 43.69 -12.19 -15.32
CA TYR A 156 43.19 -12.86 -14.13
C TYR A 156 41.73 -13.26 -14.32
N PHE A 157 41.28 -14.18 -13.48
CA PHE A 157 39.90 -14.65 -13.51
C PHE A 157 39.62 -15.34 -12.20
N PRO A 158 38.42 -15.13 -11.64
CA PRO A 158 37.37 -14.22 -12.07
C PRO A 158 37.58 -12.85 -11.47
N GLU A 159 36.57 -11.98 -11.58
CA GLU A 159 36.52 -10.74 -10.81
C GLU A 159 36.26 -11.12 -9.36
N PRO A 160 36.63 -10.26 -8.39
CA PRO A 160 37.25 -8.94 -8.49
C PRO A 160 38.72 -8.92 -8.08
N VAL A 161 39.36 -7.80 -8.39
CA VAL A 161 40.69 -7.45 -7.92
C VAL A 161 40.57 -6.11 -7.21
N THR A 162 41.29 -5.96 -6.09
CA THR A 162 41.45 -4.64 -5.47
C THR A 162 42.85 -4.09 -5.74
N VAL A 163 42.95 -2.78 -5.91
CA VAL A 163 44.24 -2.10 -6.01
C VAL A 163 44.27 -0.95 -5.02
N SER A 164 45.31 -0.88 -4.20
CA SER A 164 45.64 0.32 -3.45
C SER A 164 47.04 0.78 -3.82
N TRP A 165 47.40 1.97 -3.32
CA TRP A 165 48.72 2.53 -3.54
C TRP A 165 49.35 2.88 -2.19
N ASN A 166 50.59 2.44 -2.00
CA ASN A 166 51.32 2.62 -0.74
C ASN A 166 50.47 2.21 0.46
N SER A 167 49.84 1.04 0.36
CA SER A 167 49.08 0.46 1.47
C SER A 167 47.97 1.40 1.96
N GLY A 168 47.38 2.18 1.05
CA GLY A 168 46.31 3.08 1.40
C GLY A 168 46.70 4.51 1.70
N ALA A 169 48.00 4.81 1.83
CA ALA A 169 48.42 6.18 2.15
C ALA A 169 48.27 7.11 0.96
N LEU A 170 48.24 6.58 -0.25
CA LEU A 170 48.14 7.38 -1.47
C LEU A 170 46.75 7.16 -2.06
N THR A 171 45.89 8.16 -1.94
CA THR A 171 44.55 8.13 -2.53
C THR A 171 44.28 9.26 -3.50
N SER A 172 44.88 10.43 -3.31
CA SER A 172 44.62 11.57 -4.18
C SER A 172 45.17 11.31 -5.58
N GLY A 173 44.33 11.54 -6.59
CA GLY A 173 44.76 11.41 -7.96
C GLY A 173 44.78 10.00 -8.49
N VAL A 174 44.29 9.03 -7.72
CA VAL A 174 44.27 7.62 -8.14
C VAL A 174 43.03 7.35 -8.98
N HIS A 175 43.19 6.65 -10.09
CA HIS A 175 42.06 6.10 -10.85
C HIS A 175 42.31 4.62 -11.10
N THR A 176 41.45 3.77 -10.55
CA THR A 176 41.45 2.34 -10.86
C THR A 176 40.26 2.08 -11.76
N PHE A 177 40.54 1.69 -13.02
CA PHE A 177 39.53 1.56 -14.06
C PHE A 177 38.77 0.24 -13.94
N PRO A 178 37.51 0.20 -14.38
CA PRO A 178 36.80 -1.08 -14.50
C PRO A 178 37.58 -2.01 -15.40
N ALA A 179 37.57 -3.29 -15.05
CA ALA A 179 38.23 -4.30 -15.86
C ALA A 179 37.57 -4.47 -17.23
N VAL A 180 38.35 -4.91 -18.20
CA VAL A 180 37.82 -5.36 -19.48
C VAL A 180 38.04 -6.86 -19.60
N LEU A 181 37.12 -7.52 -20.27
CA LEU A 181 37.18 -8.96 -20.51
C LEU A 181 37.81 -9.20 -21.88
N GLN A 182 38.97 -9.84 -21.88
CA GLN A 182 39.72 -10.05 -23.11
C GLN A 182 39.20 -11.28 -23.88
N SER A 183 39.62 -11.36 -25.16
CA SER A 183 39.30 -12.50 -26.02
C SER A 183 39.65 -13.83 -25.34
N SER A 184 40.73 -13.85 -24.56
CA SER A 184 41.18 -15.06 -23.90
C SER A 184 40.20 -15.55 -22.84
N GLY A 185 39.25 -14.72 -22.41
CA GLY A 185 38.41 -15.03 -21.28
C GLY A 185 38.96 -14.54 -19.95
N LEU A 186 40.14 -13.93 -19.94
CA LEU A 186 40.73 -13.39 -18.72
C LEU A 186 40.49 -11.88 -18.68
N TYR A 187 40.45 -11.33 -17.47
CA TYR A 187 40.24 -9.90 -17.28
C TYR A 187 41.55 -9.14 -17.24
N SER A 188 41.46 -7.83 -17.45
CA SER A 188 42.63 -6.96 -17.40
C SER A 188 42.16 -5.58 -16.93
N LEU A 189 42.86 -4.99 -15.97
CA LEU A 189 42.55 -3.61 -15.61
C LEU A 189 43.84 -2.85 -15.34
N SER A 190 43.74 -1.52 -15.39
CA SER A 190 44.83 -0.63 -15.02
C SER A 190 44.40 0.23 -13.83
N SER A 191 45.38 0.59 -13.02
CA SER A 191 45.23 1.58 -11.97
C SER A 191 46.34 2.59 -12.14
N VAL A 192 45.99 3.88 -12.16
CA VAL A 192 46.96 4.93 -12.43
C VAL A 192 46.91 5.95 -11.32
N VAL A 193 47.96 6.75 -11.23
CA VAL A 193 47.95 7.87 -10.31
C VAL A 193 48.78 8.98 -10.93
N THR A 194 48.31 10.22 -10.77
CA THR A 194 49.09 11.37 -11.18
C THR A 194 49.77 11.98 -9.96
N VAL A 195 51.06 12.31 -10.11
CA VAL A 195 51.87 12.85 -9.02
C VAL A 195 52.75 13.96 -9.56
N PRO A 196 53.30 14.80 -8.69
CA PRO A 196 54.24 15.83 -9.15
C PRO A 196 55.49 15.19 -9.72
N SER A 197 55.91 15.67 -10.90
CA SER A 197 57.10 15.12 -11.55
C SER A 197 58.32 15.21 -10.63
N SER A 198 58.35 16.23 -9.76
CA SER A 198 59.48 16.43 -8.85
C SER A 198 59.60 15.31 -7.82
N SER A 199 58.53 14.59 -7.53
CA SER A 199 58.59 13.53 -6.52
C SER A 199 59.11 12.21 -7.07
N LEU A 200 59.32 12.07 -8.38
CA LEU A 200 59.67 10.78 -8.94
C LEU A 200 61.03 10.29 -8.42
N GLY A 201 61.99 11.20 -8.25
CA GLY A 201 63.29 10.78 -7.74
C GLY A 201 63.29 10.39 -6.28
N THR A 202 62.36 10.95 -5.50
CA THR A 202 62.38 10.83 -4.04
C THR A 202 61.29 9.92 -3.48
N GLN A 203 60.07 9.99 -4.01
CA GLN A 203 58.93 9.28 -3.43
C GLN A 203 58.81 7.89 -4.07
N THR A 204 58.64 6.88 -3.23
CA THR A 204 58.40 5.50 -3.68
C THR A 204 56.91 5.25 -3.92
N TYR A 205 56.60 4.57 -5.02
CA TYR A 205 55.23 4.24 -5.40
C TYR A 205 55.09 2.73 -5.59
N ILE A 206 54.23 2.13 -4.76
CA ILE A 206 53.90 0.71 -4.79
C ILE A 206 52.40 0.60 -5.01
N CYS A 207 51.98 -0.23 -5.95
CA CYS A 207 50.57 -0.62 -6.03
C CYS A 207 50.39 -1.97 -5.37
N ASN A 208 49.33 -2.11 -4.58
CA ASN A 208 49.06 -3.33 -3.83
C ASN A 208 47.84 -3.99 -4.45
N VAL A 209 48.06 -5.14 -5.10
CA VAL A 209 47.03 -5.86 -5.83
C VAL A 209 46.64 -7.09 -5.02
N ASN A 210 45.34 -7.28 -4.84
CA ASN A 210 44.84 -8.45 -4.14
C ASN A 210 43.75 -9.10 -4.98
N HIS A 211 43.95 -10.37 -5.34
CA HIS A 211 42.97 -11.16 -6.09
C HIS A 211 42.57 -12.31 -5.18
N LYS A 212 41.57 -12.06 -4.32
CA LYS A 212 41.17 -13.09 -3.36
C LYS A 212 40.73 -14.39 -4.00
N PRO A 213 39.96 -14.42 -5.11
CA PRO A 213 39.58 -15.71 -5.70
C PRO A 213 40.73 -16.68 -5.97
N SER A 214 41.95 -16.20 -6.24
CA SER A 214 43.10 -17.08 -6.40
C SER A 214 44.07 -17.01 -5.23
N ASN A 215 43.74 -16.24 -4.19
CA ASN A 215 44.62 -15.92 -3.06
C ASN A 215 45.99 -15.44 -3.54
N THR A 216 45.96 -14.43 -4.40
CA THR A 216 47.16 -13.83 -4.98
C THR A 216 47.25 -12.39 -4.50
N LYS A 217 48.32 -12.07 -3.79
CA LYS A 217 48.66 -10.68 -3.50
C LYS A 217 50.01 -10.37 -4.12
N VAL A 218 50.09 -9.18 -4.71
CA VAL A 218 51.29 -8.68 -5.38
C VAL A 218 51.47 -7.23 -4.99
N ASP A 219 52.69 -6.85 -4.63
CA ASP A 219 53.10 -5.46 -4.54
C ASP A 219 54.11 -5.18 -5.65
N LYS A 220 53.86 -4.16 -6.41
CA LYS A 220 54.74 -3.80 -7.44
C LYS A 220 55.20 -2.39 -7.30
N ARG A 221 56.48 -2.22 -7.19
CA ARG A 221 57.04 -0.92 -7.11
C ARG A 221 57.22 -0.43 -8.49
N VAL A 222 56.78 0.77 -8.73
CA VAL A 222 56.81 1.39 -10.01
C VAL A 222 57.80 2.53 -10.05
N GLU A 223 58.83 2.42 -10.85
CA GLU A 223 59.89 3.40 -10.98
C GLU A 223 60.09 3.98 -12.36
N PRO A 224 60.62 5.18 -12.49
CA PRO A 224 60.92 5.71 -13.84
C PRO A 224 61.99 4.86 -14.49
N GLU B 1 5.93 -8.81 -27.14
CA GLU B 1 6.58 -8.31 -25.93
C GLU B 1 6.65 -6.78 -25.98
N ILE B 2 6.29 -6.12 -24.88
CA ILE B 2 6.18 -4.67 -24.83
C ILE B 2 7.56 -4.04 -24.67
N VAL B 3 7.95 -3.21 -25.63
CA VAL B 3 9.24 -2.55 -25.59
C VAL B 3 9.08 -1.20 -24.87
N MET B 4 9.94 -0.94 -23.89
CA MET B 4 9.90 0.30 -23.11
C MET B 4 11.06 1.19 -23.58
N THR B 5 10.73 2.34 -24.18
CA THR B 5 11.73 3.27 -24.73
C THR B 5 11.79 4.53 -23.86
N GLN B 6 12.91 4.72 -23.17
CA GLN B 6 13.14 5.90 -22.34
C GLN B 6 13.91 6.94 -23.14
N SER B 7 13.69 8.19 -22.79
CA SER B 7 14.43 9.29 -23.40
C SER B 7 14.49 10.46 -22.43
N PRO B 8 15.61 11.19 -22.44
CA PRO B 8 16.79 10.88 -23.24
C PRO B 8 17.57 9.73 -22.61
N SER B 9 18.51 9.13 -23.32
CA SER B 9 19.32 8.09 -22.70
C SER B 9 20.20 8.65 -21.59
N SER B 10 20.56 9.92 -21.69
CA SER B 10 21.40 10.53 -20.67
C SER B 10 21.10 12.03 -20.64
N LEU B 11 21.34 12.65 -19.49
CA LEU B 11 21.02 14.06 -19.29
C LEU B 11 22.04 14.62 -18.31
N SER B 12 22.71 15.69 -18.72
CA SER B 12 23.64 16.44 -17.88
C SER B 12 22.86 17.57 -17.22
N ALA B 13 22.89 17.64 -15.90
CA ALA B 13 22.04 18.55 -15.15
C ALA B 13 22.76 19.10 -13.94
N SER B 14 22.20 20.16 -13.36
CA SER B 14 22.78 20.81 -12.20
C SER B 14 21.81 20.70 -11.03
N VAL B 15 22.38 20.78 -9.82
CA VAL B 15 21.58 20.84 -8.61
C VAL B 15 20.61 21.99 -8.72
N GLY B 16 19.34 21.73 -8.40
CA GLY B 16 18.30 22.73 -8.48
C GLY B 16 17.48 22.70 -9.74
N ASP B 17 17.95 22.04 -10.80
CA ASP B 17 17.21 21.94 -12.06
C ASP B 17 15.88 21.22 -11.86
N ARG B 18 14.91 21.53 -12.71
CA ARG B 18 13.74 20.70 -12.86
C ARG B 18 14.01 19.79 -14.05
N VAL B 19 13.87 18.49 -13.84
CA VAL B 19 14.21 17.48 -14.84
C VAL B 19 12.99 16.63 -15.08
N THR B 20 12.67 16.40 -16.36
CA THR B 20 11.56 15.56 -16.76
C THR B 20 12.06 14.55 -17.79
N ILE B 21 11.87 13.26 -17.49
CA ILE B 21 12.32 12.17 -18.35
C ILE B 21 11.10 11.38 -18.80
N THR B 22 11.18 10.76 -19.98
CA THR B 22 10.04 10.20 -20.66
C THR B 22 10.18 8.69 -20.88
N CYS B 23 9.03 8.01 -20.92
CA CYS B 23 8.98 6.57 -21.17
C CYS B 23 7.79 6.31 -22.07
N ARG B 24 8.03 5.65 -23.20
CA ARG B 24 6.97 5.33 -24.17
C ARG B 24 6.94 3.83 -24.42
N PRO B 25 5.93 3.13 -23.94
CA PRO B 25 5.76 1.71 -24.30
C PRO B 25 5.26 1.58 -25.73
N SER B 26 5.56 0.42 -26.32
CA SER B 26 5.11 0.13 -27.69
C SER B 26 3.62 -0.19 -27.76
N GLN B 27 2.97 -0.41 -26.62
CA GLN B 27 1.56 -0.71 -26.54
C GLN B 27 0.98 0.02 -25.34
N SER B 28 -0.31 0.34 -25.39
CA SER B 28 -0.98 0.96 -24.25
C SER B 28 -0.90 0.07 -23.03
N ILE B 29 -0.59 0.68 -21.88
CA ILE B 29 -0.41 -0.10 -20.66
C ILE B 29 -1.27 0.47 -19.53
N SER B 30 -2.37 1.12 -19.88
CA SER B 30 -3.22 1.85 -18.94
C SER B 30 -2.29 2.76 -18.10
N THR B 31 -2.34 2.69 -16.77
CA THR B 31 -1.43 3.44 -15.91
C THR B 31 -0.47 2.54 -15.16
N PHE B 32 -0.29 1.29 -15.59
CA PHE B 32 0.42 0.28 -14.81
C PHE B 32 1.92 0.35 -15.11
N LEU B 33 2.51 1.44 -14.61
CA LEU B 33 3.88 1.82 -14.93
C LEU B 33 4.57 2.21 -13.63
N ASN B 34 5.71 1.60 -13.36
CA ASN B 34 6.50 1.93 -12.18
C ASN B 34 7.82 2.55 -12.61
N TRP B 35 8.39 3.38 -11.74
CA TRP B 35 9.71 3.97 -11.95
C TRP B 35 10.62 3.58 -10.79
N TYR B 36 11.87 3.25 -11.12
CA TYR B 36 12.88 2.87 -10.14
C TYR B 36 14.12 3.73 -10.28
N GLU B 37 14.84 3.92 -9.18
CA GLU B 37 16.16 4.53 -9.20
C GLU B 37 17.22 3.48 -8.92
N GLN B 38 18.36 3.55 -9.60
CA GLN B 38 19.46 2.64 -9.31
C GLN B 38 20.79 3.39 -9.34
N LYS B 39 21.60 3.23 -8.31
CA LYS B 39 22.97 3.74 -8.33
C LYS B 39 23.96 2.61 -8.54
N PRO B 40 25.19 2.92 -8.99
CA PRO B 40 26.15 1.85 -9.34
C PRO B 40 26.36 0.87 -8.19
N GLY B 41 26.29 -0.42 -8.52
CA GLY B 41 26.54 -1.47 -7.55
C GLY B 41 25.43 -1.72 -6.56
N LYS B 42 24.28 -1.04 -6.68
CA LYS B 42 23.20 -1.23 -5.74
C LYS B 42 21.95 -1.73 -6.45
N ALA B 43 21.04 -2.25 -5.67
CA ALA B 43 19.76 -2.69 -6.21
C ALA B 43 18.86 -1.50 -6.53
N PRO B 44 17.95 -1.65 -7.49
CA PRO B 44 16.99 -0.57 -7.78
C PRO B 44 16.10 -0.30 -6.57
N LYS B 45 15.58 0.92 -6.50
CA LYS B 45 14.63 1.31 -5.46
C LYS B 45 13.37 1.88 -6.10
N LEU B 46 12.21 1.45 -5.58
CA LEU B 46 10.94 1.90 -6.11
C LEU B 46 10.72 3.38 -5.80
N LEU B 47 10.35 4.16 -6.81
CA LEU B 47 10.02 5.57 -6.66
C LEU B 47 8.55 5.86 -6.85
N ILE B 48 7.99 5.40 -7.96
CA ILE B 48 6.64 5.75 -8.36
C ILE B 48 5.96 4.50 -8.88
N TYR B 49 4.68 4.34 -8.55
CA TYR B 49 3.88 3.25 -9.07
C TYR B 49 2.56 3.82 -9.57
N ASP B 50 1.91 3.04 -10.42
CA ASP B 50 0.62 3.43 -10.99
C ASP B 50 0.71 4.80 -11.69
N ALA B 51 1.88 5.05 -12.32
CA ALA B 51 2.17 6.24 -13.10
C ALA B 51 2.39 7.50 -12.26
N SER B 52 1.60 7.69 -11.20
CA SER B 52 1.58 8.96 -10.47
C SER B 52 1.70 8.86 -8.96
N SER B 53 1.64 7.66 -8.38
CA SER B 53 1.64 7.54 -6.92
C SER B 53 3.07 7.44 -6.40
N LEU B 54 3.37 8.21 -5.36
CA LEU B 54 4.70 8.24 -4.76
C LEU B 54 4.81 7.16 -3.70
N GLN B 55 5.88 6.37 -3.77
CA GLN B 55 6.13 5.34 -2.77
C GLN B 55 6.50 6.03 -1.46
N SER B 56 6.07 5.47 -0.34
CA SER B 56 6.32 6.11 0.94
C SER B 56 7.83 6.20 1.20
N GLY B 57 8.25 7.28 1.81
CA GLY B 57 9.65 7.52 2.01
C GLY B 57 10.34 8.27 0.89
N VAL B 58 9.71 8.37 -0.28
CA VAL B 58 10.34 9.06 -1.42
C VAL B 58 10.08 10.55 -1.29
N PRO B 59 11.09 11.40 -1.51
CA PRO B 59 10.91 12.85 -1.35
C PRO B 59 9.81 13.41 -2.24
N SER B 60 9.15 14.45 -1.73
CA SER B 60 8.04 15.11 -2.44
C SER B 60 8.47 15.68 -3.80
N ARG B 61 9.76 15.98 -3.99
CA ARG B 61 10.20 16.55 -5.26
C ARG B 61 9.99 15.60 -6.44
N PHE B 62 9.85 14.30 -6.19
CA PHE B 62 9.54 13.32 -7.24
C PHE B 62 8.05 13.30 -7.56
N SER B 63 7.72 13.28 -8.85
CA SER B 63 6.34 13.12 -9.29
C SER B 63 6.34 12.37 -10.63
N GLY B 64 5.19 11.79 -10.97
CA GLY B 64 5.05 11.09 -12.23
C GLY B 64 3.71 11.39 -12.85
N SER B 65 3.66 11.25 -14.18
CA SER B 65 2.42 11.57 -14.87
C SER B 65 2.32 10.69 -16.10
N GLY B 66 1.09 10.41 -16.53
CA GLY B 66 0.89 9.77 -17.82
C GLY B 66 -0.09 8.61 -17.85
N SER B 67 -0.42 8.17 -19.06
CA SER B 67 -1.26 6.98 -19.27
C SER B 67 -1.11 6.55 -20.71
N GLY B 68 -1.59 5.33 -21.00
CA GLY B 68 -1.58 4.82 -22.35
C GLY B 68 -0.17 4.52 -22.84
N THR B 69 0.40 5.43 -23.63
CA THR B 69 1.74 5.22 -24.19
C THR B 69 2.67 6.41 -23.95
N GLU B 70 2.34 7.33 -23.05
CA GLU B 70 3.20 8.48 -22.74
C GLU B 70 3.28 8.66 -21.24
N PHE B 71 4.50 8.59 -20.70
CA PHE B 71 4.73 8.69 -19.27
C PHE B 71 5.95 9.56 -19.00
N THR B 72 5.89 10.32 -17.92
CA THR B 72 7.04 11.11 -17.48
C THR B 72 7.28 10.94 -16.00
N LEU B 73 8.55 11.12 -15.62
CA LEU B 73 9.00 11.26 -14.25
C LEU B 73 9.62 12.65 -14.12
N THR B 74 9.24 13.41 -13.10
CA THR B 74 9.78 14.76 -12.93
C THR B 74 10.38 14.90 -11.55
N ILE B 75 11.57 15.47 -11.49
CA ILE B 75 12.20 15.90 -10.25
C ILE B 75 12.15 17.42 -10.24
N SER B 76 11.43 18.00 -9.28
CA SER B 76 11.09 19.41 -9.35
C SER B 76 12.33 20.29 -9.11
N SER B 77 13.25 19.87 -8.26
CA SER B 77 14.57 20.50 -8.24
C SER B 77 15.60 19.48 -7.78
N LEU B 78 16.57 19.18 -8.65
CA LEU B 78 17.52 18.10 -8.39
C LEU B 78 18.36 18.36 -7.14
N GLN B 79 18.65 17.28 -6.42
CA GLN B 79 19.50 17.27 -5.25
C GLN B 79 20.73 16.42 -5.54
N PRO B 80 21.82 16.62 -4.81
CA PRO B 80 23.04 15.85 -5.10
C PRO B 80 22.85 14.34 -5.01
N GLU B 81 21.88 13.86 -4.22
CA GLU B 81 21.66 12.43 -4.13
C GLU B 81 20.80 11.88 -5.27
N ASP B 82 20.34 12.73 -6.21
CA ASP B 82 19.46 12.30 -7.29
C ASP B 82 20.21 11.92 -8.58
N PHE B 83 21.52 12.09 -8.64
CA PHE B 83 22.25 11.68 -9.85
C PHE B 83 22.41 10.15 -9.81
N ALA B 84 21.78 9.50 -10.79
CA ALA B 84 21.59 8.05 -10.76
C ALA B 84 20.95 7.65 -12.08
N THR B 85 20.66 6.37 -12.28
CA THR B 85 19.92 5.97 -13.47
C THR B 85 18.48 5.64 -13.09
N TYR B 86 17.53 6.07 -13.92
CA TYR B 86 16.11 5.90 -13.66
C TYR B 86 15.49 4.99 -14.71
N TYR B 87 14.74 3.99 -14.26
CA TYR B 87 14.14 2.97 -15.11
C TYR B 87 12.61 2.98 -15.00
N CYS B 88 11.93 2.88 -16.12
CA CYS B 88 10.50 2.61 -16.11
C CYS B 88 10.26 1.12 -16.30
N GLN B 89 9.07 0.65 -15.91
CA GLN B 89 8.79 -0.78 -15.95
C GLN B 89 7.29 -1.00 -16.00
N GLN B 90 6.81 -1.76 -16.99
CA GLN B 90 5.37 -1.90 -17.20
C GLN B 90 4.87 -3.16 -16.50
N SER B 91 3.73 -3.02 -15.82
CA SER B 91 3.12 -4.14 -15.10
C SER B 91 1.80 -4.54 -15.72
N PHE B 92 1.65 -4.28 -17.03
CA PHE B 92 0.40 -4.53 -17.75
C PHE B 92 0.28 -5.97 -18.25
N SER B 93 1.36 -6.58 -18.72
CA SER B 93 1.28 -7.94 -19.26
C SER B 93 2.65 -8.61 -19.27
N THR B 94 2.66 -9.94 -19.09
CA THR B 94 3.88 -10.74 -19.15
C THR B 94 4.40 -10.83 -20.58
N PRO B 95 5.73 -10.93 -20.75
CA PRO B 95 6.76 -10.85 -19.70
C PRO B 95 6.89 -9.38 -19.28
N TYR B 96 7.08 -9.11 -18.00
CA TYR B 96 7.18 -7.71 -17.57
C TYR B 96 8.53 -7.13 -17.99
N THR B 97 8.50 -5.92 -18.55
CA THR B 97 9.66 -5.38 -19.23
C THR B 97 10.01 -4.01 -18.67
N PHE B 98 11.31 -3.67 -18.76
CA PHE B 98 11.90 -2.45 -18.24
C PHE B 98 12.45 -1.61 -19.40
N GLY B 99 12.50 -0.30 -19.22
CA GLY B 99 13.26 0.54 -20.14
C GLY B 99 14.77 0.32 -19.97
N GLN B 100 15.55 0.98 -20.83
CA GLN B 100 16.99 0.84 -20.75
C GLN B 100 17.63 1.90 -19.85
N GLY B 101 16.85 2.79 -19.26
CA GLY B 101 17.36 3.68 -18.25
C GLY B 101 17.68 5.06 -18.79
N THR B 102 17.50 6.08 -17.95
CA THR B 102 18.00 7.42 -18.21
C THR B 102 18.99 7.74 -17.10
N ARG B 103 20.23 8.02 -17.48
CA ARG B 103 21.25 8.35 -16.49
C ARG B 103 21.37 9.87 -16.37
N LEU B 104 21.33 10.37 -15.14
CA LEU B 104 21.52 11.77 -14.82
C LEU B 104 22.94 11.96 -14.31
N GLU B 105 23.74 12.77 -15.01
CA GLU B 105 25.11 13.08 -14.61
C GLU B 105 25.25 14.58 -14.34
N ILE B 106 26.29 14.94 -13.59
CA ILE B 106 26.51 16.30 -13.13
C ILE B 106 27.10 17.14 -14.26
N LYS B 107 26.46 18.26 -14.54
CA LYS B 107 26.97 19.23 -15.50
C LYS B 107 28.09 20.04 -14.87
N ARG B 108 29.14 20.29 -15.64
CA ARG B 108 30.22 21.17 -15.20
C ARG B 108 30.86 21.77 -16.44
N THR B 109 31.82 22.66 -16.23
CA THR B 109 32.50 23.27 -17.35
C THR B 109 33.35 22.24 -18.09
N VAL B 110 33.58 22.51 -19.38
CA VAL B 110 34.40 21.66 -20.22
C VAL B 110 35.82 21.61 -19.68
N ALA B 111 36.44 20.42 -19.76
CA ALA B 111 37.78 20.22 -19.23
C ALA B 111 38.48 19.21 -20.13
N ALA B 112 39.59 19.62 -20.68
CA ALA B 112 40.31 18.81 -21.64
C ALA B 112 41.10 17.71 -20.92
N PRO B 113 41.24 16.54 -21.54
CA PRO B 113 42.05 15.48 -20.92
C PRO B 113 43.52 15.84 -20.86
N SER B 114 44.17 15.40 -19.80
CA SER B 114 45.61 15.21 -19.80
C SER B 114 45.89 13.81 -20.36
N VAL B 115 46.77 13.70 -21.35
CA VAL B 115 46.99 12.43 -22.06
C VAL B 115 48.39 11.90 -21.77
N PHE B 116 48.49 10.59 -21.55
CA PHE B 116 49.76 9.93 -21.28
C PHE B 116 49.80 8.60 -22.02
N ILE B 117 50.97 8.20 -22.52
CA ILE B 117 51.12 6.91 -23.20
C ILE B 117 52.20 6.10 -22.49
N PHE B 118 52.00 4.79 -22.40
CA PHE B 118 52.88 3.89 -21.68
C PHE B 118 53.25 2.74 -22.59
N PRO B 119 54.53 2.55 -22.91
CA PRO B 119 54.93 1.38 -23.70
C PRO B 119 54.77 0.12 -22.89
N PRO B 120 54.75 -1.06 -23.53
CA PRO B 120 54.78 -2.29 -22.74
C PRO B 120 56.06 -2.39 -21.93
N SER B 121 55.93 -2.99 -20.76
CA SER B 121 57.07 -3.19 -19.87
C SER B 121 57.94 -4.32 -20.41
N ASP B 122 59.22 -4.27 -20.04
CA ASP B 122 60.11 -5.37 -20.40
C ASP B 122 59.66 -6.67 -19.76
N GLU B 123 59.08 -6.59 -18.56
CA GLU B 123 58.56 -7.80 -17.90
C GLU B 123 57.49 -8.47 -18.76
N GLN B 124 56.49 -7.70 -19.22
CA GLN B 124 55.44 -8.29 -20.05
C GLN B 124 56.03 -8.85 -21.35
N LEU B 125 56.95 -8.11 -21.98
CA LEU B 125 57.53 -8.58 -23.25
C LEU B 125 58.22 -9.93 -23.09
N LYS B 126 58.92 -10.14 -21.97
CA LYS B 126 59.51 -11.46 -21.72
C LYS B 126 58.48 -12.57 -21.68
N SER B 127 57.24 -12.26 -21.31
CA SER B 127 56.19 -13.26 -21.20
C SER B 127 55.42 -13.47 -22.52
N GLY B 128 55.71 -12.69 -23.57
CA GLY B 128 55.24 -12.97 -24.91
C GLY B 128 54.07 -12.19 -25.48
N THR B 129 53.51 -11.21 -24.76
CA THR B 129 52.59 -10.29 -25.42
C THR B 129 52.92 -8.86 -25.01
N ALA B 130 52.31 -7.90 -25.70
CA ALA B 130 52.57 -6.49 -25.49
C ALA B 130 51.26 -5.75 -25.32
N SER B 131 51.19 -4.90 -24.32
CA SER B 131 50.06 -4.00 -24.11
C SER B 131 50.59 -2.57 -24.13
N VAL B 132 50.05 -1.74 -25.01
CA VAL B 132 50.29 -0.31 -24.99
C VAL B 132 49.07 0.36 -24.37
N VAL B 133 49.29 1.26 -23.41
CA VAL B 133 48.21 1.86 -22.63
C VAL B 133 48.20 3.37 -22.87
N CYS B 134 47.01 3.92 -23.10
CA CYS B 134 46.81 5.36 -23.23
C CYS B 134 45.85 5.81 -22.15
N LEU B 135 46.23 6.85 -21.42
CA LEU B 135 45.47 7.37 -20.30
C LEU B 135 44.96 8.77 -20.66
N LEU B 136 43.65 8.97 -20.50
CA LEU B 136 43.02 10.29 -20.62
C LEU B 136 42.51 10.65 -19.25
N ASN B 137 43.12 11.65 -18.62
CA ASN B 137 42.90 11.95 -17.22
C ASN B 137 42.03 13.20 -17.05
N ASN B 138 40.96 13.07 -16.25
CA ASN B 138 40.16 14.18 -15.72
C ASN B 138 39.64 15.14 -16.80
N PHE B 139 38.71 14.64 -17.61
CA PHE B 139 38.13 15.44 -18.67
C PHE B 139 36.61 15.50 -18.52
N TYR B 140 36.02 16.43 -19.27
CA TYR B 140 34.57 16.62 -19.29
C TYR B 140 34.16 17.43 -20.53
N PRO B 141 33.10 16.98 -21.24
CA PRO B 141 32.20 15.86 -20.96
C PRO B 141 32.80 14.49 -21.28
N ARG B 142 31.96 13.45 -21.15
CA ARG B 142 32.44 12.07 -21.26
C ARG B 142 32.83 11.70 -22.68
N GLU B 143 32.25 12.34 -23.69
CA GLU B 143 32.57 11.98 -25.07
C GLU B 143 34.02 12.30 -25.37
N ALA B 144 34.73 11.31 -25.90
CA ALA B 144 36.14 11.43 -26.27
C ALA B 144 36.40 10.29 -27.23
N LYS B 145 37.22 10.53 -28.25
CA LYS B 145 37.65 9.45 -29.12
C LYS B 145 39.16 9.25 -28.97
N VAL B 146 39.57 7.99 -28.85
CA VAL B 146 40.98 7.59 -28.70
C VAL B 146 41.40 6.89 -29.99
N GLN B 147 42.45 7.35 -30.64
CA GLN B 147 42.83 6.55 -31.80
C GLN B 147 44.31 6.14 -31.78
N TRP B 148 44.54 4.87 -31.99
CA TRP B 148 45.85 4.27 -32.03
C TRP B 148 46.46 4.23 -33.42
N LYS B 149 47.76 4.50 -33.50
CA LYS B 149 48.43 4.30 -34.78
C LYS B 149 49.75 3.60 -34.54
N VAL B 150 50.09 2.68 -35.43
CA VAL B 150 51.36 1.99 -35.37
C VAL B 150 52.03 2.19 -36.73
N ASP B 151 53.18 2.87 -36.73
CA ASP B 151 53.85 3.26 -37.98
C ASP B 151 52.85 3.92 -38.92
N ASN B 152 52.02 4.81 -38.34
CA ASN B 152 50.97 5.57 -39.01
C ASN B 152 49.88 4.69 -39.63
N ALA B 153 49.80 3.43 -39.24
CA ALA B 153 48.71 2.56 -39.64
C ALA B 153 47.61 2.66 -38.58
N LEU B 154 46.42 3.05 -39.01
CA LEU B 154 45.32 3.22 -38.08
C LEU B 154 44.82 1.85 -37.61
N GLN B 155 44.70 1.68 -36.29
CA GLN B 155 44.32 0.40 -35.69
C GLN B 155 42.84 0.40 -35.31
N SER B 156 42.16 -0.70 -35.61
CA SER B 156 40.83 -0.91 -35.06
C SER B 156 40.61 -2.40 -34.88
N GLY B 157 39.83 -2.73 -33.85
CA GLY B 157 39.57 -4.10 -33.50
C GLY B 157 40.50 -4.70 -32.48
N ASN B 158 41.63 -4.05 -32.18
CA ASN B 158 42.63 -4.63 -31.28
C ASN B 158 42.90 -3.75 -30.06
N SER B 159 41.92 -2.95 -29.66
CA SER B 159 42.03 -2.18 -28.42
C SER B 159 40.73 -2.30 -27.62
N GLN B 160 40.83 -2.10 -26.30
CA GLN B 160 39.65 -2.00 -25.44
C GLN B 160 39.80 -0.76 -24.56
N GLU B 161 38.66 -0.20 -24.18
CA GLU B 161 38.55 1.05 -23.44
C GLU B 161 37.76 0.82 -22.17
N SER B 162 38.09 1.59 -21.12
CA SER B 162 37.38 1.56 -19.85
C SER B 162 37.30 2.98 -19.31
N VAL B 163 36.16 3.35 -18.71
CA VAL B 163 35.90 4.72 -18.22
C VAL B 163 35.48 4.69 -16.77
N THR B 164 36.00 5.62 -15.97
CA THR B 164 35.63 5.71 -14.56
C THR B 164 34.25 6.34 -14.37
N GLU B 165 33.72 6.18 -13.17
CA GLU B 165 32.52 6.92 -12.81
C GLU B 165 32.87 8.40 -12.66
N GLN B 166 31.89 9.26 -12.90
CA GLN B 166 32.09 10.69 -12.70
C GLN B 166 32.72 10.92 -11.33
N ASP B 167 33.84 11.63 -11.32
CA ASP B 167 34.58 11.88 -10.09
C ASP B 167 33.72 12.61 -9.07
N SER B 168 33.88 12.21 -7.80
CA SER B 168 33.02 12.75 -6.75
C SER B 168 33.40 14.17 -6.36
N LYS B 169 34.63 14.61 -6.61
CA LYS B 169 35.06 15.95 -6.26
C LYS B 169 35.01 16.95 -7.41
N ASP B 170 35.55 16.62 -8.59
CA ASP B 170 35.57 17.56 -9.70
C ASP B 170 34.63 17.20 -10.85
N SER B 171 33.88 16.12 -10.72
CA SER B 171 32.87 15.73 -11.72
C SER B 171 33.48 15.41 -13.09
N THR B 172 34.76 15.07 -13.17
CA THR B 172 35.36 14.66 -14.43
C THR B 172 35.31 13.13 -14.61
N TYR B 173 35.66 12.71 -15.81
CA TYR B 173 35.83 11.31 -16.17
C TYR B 173 37.30 11.06 -16.49
N SER B 174 37.69 9.79 -16.41
CA SER B 174 38.99 9.36 -16.91
C SER B 174 38.81 8.09 -17.74
N LEU B 175 39.70 7.89 -18.70
CA LEU B 175 39.57 6.79 -19.64
C LEU B 175 40.92 6.12 -19.85
N SER B 176 40.89 4.79 -19.87
CA SER B 176 42.07 3.98 -20.15
C SER B 176 41.81 3.19 -21.42
N SER B 177 42.75 3.23 -22.37
CA SER B 177 42.66 2.41 -23.56
C SER B 177 43.90 1.52 -23.68
N THR B 178 43.68 0.24 -24.01
CA THR B 178 44.77 -0.72 -24.08
C THR B 178 44.81 -1.31 -25.48
N LEU B 179 45.94 -1.11 -26.17
CA LEU B 179 46.16 -1.69 -27.49
C LEU B 179 46.91 -3.00 -27.30
N THR B 180 46.40 -4.08 -27.89
CA THR B 180 46.97 -5.41 -27.71
C THR B 180 47.62 -5.87 -29.01
N LEU B 181 48.90 -6.20 -28.93
CA LEU B 181 49.67 -6.71 -30.08
C LEU B 181 50.46 -7.93 -29.65
N SER B 182 50.78 -8.79 -30.63
CA SER B 182 51.81 -9.79 -30.38
C SER B 182 53.16 -9.14 -30.07
N LYS B 183 53.97 -9.82 -29.26
CA LYS B 183 55.35 -9.39 -29.06
C LYS B 183 56.08 -9.27 -30.39
N ALA B 184 55.82 -10.21 -31.31
CA ALA B 184 56.48 -10.17 -32.61
C ALA B 184 56.08 -8.93 -33.41
N ASP B 185 54.78 -8.60 -33.41
CA ASP B 185 54.34 -7.39 -34.11
C ASP B 185 54.89 -6.15 -33.44
N TYR B 186 54.89 -6.13 -32.10
CA TYR B 186 55.40 -4.96 -31.38
C TYR B 186 56.84 -4.66 -31.80
N GLU B 187 57.65 -5.70 -31.95
CA GLU B 187 59.06 -5.52 -32.29
C GLU B 187 59.29 -5.30 -33.78
N LYS B 188 58.32 -5.63 -34.64
CA LYS B 188 58.43 -5.25 -36.06
C LYS B 188 58.22 -3.76 -36.33
N HIS B 189 57.59 -3.02 -35.42
CA HIS B 189 57.18 -1.66 -35.73
C HIS B 189 57.84 -0.69 -34.77
N LYS B 190 57.87 0.59 -35.13
CA LYS B 190 58.66 1.62 -34.47
C LYS B 190 57.82 2.62 -33.68
N VAL B 191 56.87 3.27 -34.35
CA VAL B 191 56.19 4.45 -33.83
C VAL B 191 54.81 4.06 -33.35
N TYR B 192 54.54 4.31 -32.07
CA TYR B 192 53.28 3.97 -31.43
C TYR B 192 52.65 5.26 -30.95
N ALA B 193 51.43 5.54 -31.40
CA ALA B 193 50.82 6.83 -31.14
C ALA B 193 49.38 6.65 -30.67
N CYS B 194 48.99 7.47 -29.70
CA CYS B 194 47.63 7.60 -29.19
C CYS B 194 47.14 8.99 -29.55
N GLU B 195 46.08 9.06 -30.35
CA GLU B 195 45.53 10.33 -30.79
C GLU B 195 44.15 10.52 -30.19
N VAL B 196 43.99 11.61 -29.44
CA VAL B 196 42.81 11.88 -28.64
C VAL B 196 42.06 13.06 -29.22
N THR B 197 40.76 12.89 -29.47
CA THR B 197 39.89 13.98 -29.88
C THR B 197 38.86 14.25 -28.79
N HIS B 198 38.72 15.53 -28.43
CA HIS B 198 37.82 15.90 -27.35
C HIS B 198 37.51 17.38 -27.47
N GLN B 199 36.27 17.71 -27.14
CA GLN B 199 35.73 19.06 -27.25
C GLN B 199 36.58 20.11 -26.54
N GLY B 200 37.23 19.74 -25.43
CA GLY B 200 38.11 20.64 -24.72
C GLY B 200 39.44 20.92 -25.41
N LEU B 201 39.71 20.28 -26.54
CA LEU B 201 40.94 20.44 -27.31
C LEU B 201 40.62 21.19 -28.60
N SER B 202 41.41 22.23 -28.91
CA SER B 202 41.14 22.89 -30.19
C SER B 202 41.45 21.98 -31.37
N SER B 203 42.44 21.11 -31.23
CA SER B 203 42.77 20.10 -32.22
C SER B 203 43.20 18.84 -31.49
N PRO B 204 43.10 17.68 -32.16
CA PRO B 204 43.46 16.41 -31.49
C PRO B 204 44.89 16.43 -30.95
N VAL B 205 45.10 15.76 -29.83
CA VAL B 205 46.41 15.70 -29.20
C VAL B 205 46.95 14.28 -29.39
N THR B 206 48.22 14.17 -29.80
CA THR B 206 48.87 12.88 -30.00
C THR B 206 50.03 12.72 -29.02
N LYS B 207 50.06 11.60 -28.32
CA LYS B 207 51.21 11.18 -27.53
C LYS B 207 51.83 9.96 -28.20
N SER B 208 53.16 9.97 -28.34
CA SER B 208 53.85 8.91 -29.07
C SER B 208 55.12 8.49 -28.33
N PHE B 209 55.59 7.31 -28.69
CA PHE B 209 56.93 6.87 -28.38
C PHE B 209 57.43 6.04 -29.56
N ASN B 210 58.75 5.96 -29.71
CA ASN B 210 59.36 5.02 -30.63
C ASN B 210 59.99 3.90 -29.82
N ARG B 211 59.69 2.66 -30.21
CA ARG B 211 60.13 1.49 -29.45
C ARG B 211 61.64 1.53 -29.27
N GLY B 212 62.08 1.39 -28.03
CA GLY B 212 63.49 1.26 -27.72
C GLY B 212 64.22 2.59 -27.58
N GLU B 213 63.73 3.42 -26.67
CA GLU B 213 64.35 4.71 -26.36
C GLU B 213 64.21 5.03 -24.87
N VAL C 2 -11.83 -2.95 -6.63
CA VAL C 2 -12.33 -4.23 -6.18
C VAL C 2 -13.51 -3.99 -5.22
N GLN C 3 -14.28 -5.04 -4.95
CA GLN C 3 -15.56 -4.91 -4.29
C GLN C 3 -15.89 -6.23 -3.60
N LEU C 4 -16.27 -6.16 -2.32
CA LEU C 4 -16.55 -7.36 -1.53
C LEU C 4 -18.06 -7.45 -1.33
N VAL C 5 -18.69 -8.43 -1.96
CA VAL C 5 -20.14 -8.51 -2.00
C VAL C 5 -20.58 -9.69 -1.16
N GLN C 6 -21.31 -9.41 -0.09
CA GLN C 6 -21.77 -10.44 0.82
C GLN C 6 -23.23 -10.87 0.57
N SER C 7 -23.58 -12.04 1.08
CA SER C 7 -24.93 -12.54 0.95
C SER C 7 -25.91 -11.72 1.79
N GLY C 8 -27.23 -11.96 1.60
CA GLY C 8 -28.26 -11.13 2.21
C GLY C 8 -28.58 -11.50 3.66
N ALA C 9 -29.44 -10.67 4.26
CA ALA C 9 -29.78 -10.77 5.67
C ALA C 9 -30.38 -12.14 5.99
N GLU C 10 -30.17 -12.58 7.22
CA GLU C 10 -30.65 -13.88 7.68
C GLU C 10 -31.35 -13.73 9.02
N VAL C 11 -32.41 -14.52 9.19
CA VAL C 11 -33.14 -14.63 10.46
C VAL C 11 -33.14 -16.11 10.86
N LYS C 12 -32.68 -16.38 12.09
CA LYS C 12 -32.39 -17.75 12.53
C LYS C 12 -32.94 -17.95 13.94
N LYS C 13 -33.31 -19.23 14.26
CA LYS C 13 -33.72 -19.61 15.60
C LYS C 13 -32.51 -19.98 16.46
N PRO C 14 -32.60 -19.84 17.78
CA PRO C 14 -31.49 -20.28 18.64
C PRO C 14 -31.17 -21.74 18.39
N GLY C 15 -29.87 -22.05 18.36
CA GLY C 15 -29.42 -23.39 18.09
C GLY C 15 -29.14 -23.66 16.64
N ALA C 16 -29.61 -22.79 15.75
CA ALA C 16 -29.36 -23.02 14.34
C ALA C 16 -27.92 -22.62 14.02
N SER C 17 -27.57 -22.74 12.75
CA SER C 17 -26.32 -22.22 12.24
C SER C 17 -26.61 -21.35 11.02
N VAL C 18 -25.64 -20.50 10.69
CA VAL C 18 -25.76 -19.58 9.55
C VAL C 18 -24.46 -19.63 8.78
N LYS C 19 -24.56 -19.47 7.46
CA LYS C 19 -23.40 -19.48 6.58
C LYS C 19 -23.44 -18.23 5.71
N VAL C 20 -22.52 -17.32 5.94
CA VAL C 20 -22.43 -16.05 5.23
C VAL C 20 -21.34 -16.17 4.18
N SER C 21 -21.61 -15.66 2.97
CA SER C 21 -20.63 -15.66 1.89
C SER C 21 -20.12 -14.25 1.60
N CYS C 22 -18.94 -14.20 0.98
CA CYS C 22 -18.24 -12.96 0.65
C CYS C 22 -17.56 -13.17 -0.69
N LYS C 23 -18.03 -12.49 -1.72
CA LYS C 23 -17.50 -12.68 -3.06
C LYS C 23 -16.44 -11.61 -3.36
N ALA C 24 -15.28 -12.04 -3.83
CA ALA C 24 -14.18 -11.14 -4.14
C ALA C 24 -13.78 -11.41 -5.58
N SER C 25 -12.50 -11.42 -5.85
CA SER C 25 -11.96 -11.74 -7.15
C SER C 25 -10.82 -12.75 -7.03
N GLY C 26 -10.36 -13.23 -8.19
CA GLY C 26 -9.24 -14.16 -8.18
C GLY C 26 -7.96 -13.54 -7.65
N TYR C 27 -7.62 -12.34 -8.15
CA TYR C 27 -6.42 -11.66 -7.66
C TYR C 27 -6.48 -11.43 -6.14
N THR C 28 -7.59 -10.89 -5.64
CA THR C 28 -7.64 -10.60 -4.21
C THR C 28 -7.57 -11.87 -3.37
N LEU C 29 -8.28 -12.93 -3.76
CA LEU C 29 -8.29 -14.12 -2.93
C LEU C 29 -6.90 -14.77 -2.89
N THR C 30 -6.13 -14.70 -4.00
CA THR C 30 -4.81 -15.32 -4.04
C THR C 30 -3.72 -14.43 -3.46
N ARG C 31 -3.94 -13.11 -3.32
CA ARG C 31 -2.89 -12.20 -2.88
C ARG C 31 -3.06 -11.69 -1.45
N TYR C 32 -4.20 -11.96 -0.81
CA TYR C 32 -4.50 -11.43 0.52
C TYR C 32 -5.11 -12.51 1.41
N TYR C 33 -4.81 -12.42 2.70
CA TYR C 33 -5.64 -13.09 3.72
C TYR C 33 -6.89 -12.26 3.98
N PHE C 34 -7.92 -12.92 4.49
CA PHE C 34 -9.19 -12.28 4.81
C PHE C 34 -9.58 -12.62 6.24
N HIS C 35 -10.31 -11.68 6.86
CA HIS C 35 -10.81 -11.83 8.21
C HIS C 35 -12.32 -11.67 8.20
N TRP C 36 -12.95 -12.20 9.25
CA TRP C 36 -14.36 -11.96 9.51
C TRP C 36 -14.47 -11.19 10.82
N VAL C 37 -15.28 -10.14 10.81
CA VAL C 37 -15.49 -9.27 11.96
C VAL C 37 -16.97 -8.99 12.08
N ARG C 38 -17.49 -8.99 13.31
CA ARG C 38 -18.91 -8.75 13.46
C ARG C 38 -19.14 -7.51 14.32
N GLN C 39 -20.33 -6.94 14.14
CA GLN C 39 -20.71 -5.70 14.83
C GLN C 39 -22.17 -5.84 15.31
N ALA C 40 -22.34 -5.93 16.62
CA ALA C 40 -23.66 -6.03 17.23
C ALA C 40 -24.31 -4.64 17.30
N PRO C 41 -25.64 -4.57 17.37
CA PRO C 41 -26.34 -3.28 17.34
C PRO C 41 -25.76 -2.25 18.31
N GLY C 42 -25.38 -1.10 17.76
CA GLY C 42 -24.83 0.00 18.54
C GLY C 42 -23.54 -0.31 19.26
N GLN C 43 -22.87 -1.41 18.91
CA GLN C 43 -21.67 -1.84 19.60
C GLN C 43 -20.44 -1.59 18.73
N GLY C 44 -19.28 -1.96 19.27
CA GLY C 44 -18.05 -1.98 18.52
C GLY C 44 -17.91 -3.30 17.78
N PHE C 45 -16.71 -3.56 17.32
CA PHE C 45 -16.46 -4.71 16.47
C PHE C 45 -15.85 -5.84 17.28
N GLU C 46 -16.10 -7.06 16.83
CA GLU C 46 -15.54 -8.27 17.44
C GLU C 46 -14.83 -9.06 16.35
N TRP C 47 -13.52 -9.27 16.51
CA TRP C 47 -12.74 -10.04 15.54
C TRP C 47 -13.01 -11.53 15.72
N MET C 48 -13.26 -12.24 14.62
CA MET C 48 -13.59 -13.67 14.71
C MET C 48 -12.49 -14.61 14.21
N GLY C 49 -11.70 -14.22 13.23
CA GLY C 49 -10.65 -15.09 12.78
C GLY C 49 -10.20 -14.73 11.38
N ILE C 50 -9.23 -15.50 10.89
CA ILE C 50 -8.51 -15.18 9.66
C ILE C 50 -8.37 -16.44 8.82
N ILE C 51 -8.52 -16.28 7.50
CA ILE C 51 -8.37 -17.36 6.55
C ILE C 51 -7.37 -16.96 5.45
N ASN C 52 -6.58 -17.93 5.04
CA ASN C 52 -5.77 -17.88 3.83
C ASN C 52 -6.59 -18.57 2.75
N PRO C 53 -7.27 -17.84 1.85
CA PRO C 53 -8.19 -18.52 0.93
C PRO C 53 -7.54 -19.56 0.03
N ASN C 54 -6.35 -19.30 -0.47
CA ASN C 54 -5.63 -20.28 -1.29
C ASN C 54 -4.87 -21.22 -0.37
N GLY C 55 -5.33 -22.44 -0.26
CA GLY C 55 -4.75 -23.40 0.64
C GLY C 55 -5.49 -23.57 1.95
N GLY C 56 -6.40 -22.66 2.27
CA GLY C 56 -7.42 -22.81 3.30
C GLY C 56 -7.00 -22.93 4.76
N GLY C 57 -5.79 -22.52 5.12
CA GLY C 57 -5.42 -22.45 6.53
C GLY C 57 -6.24 -21.39 7.24
N THR C 58 -6.58 -21.66 8.51
CA THR C 58 -7.39 -20.70 9.27
C THR C 58 -6.85 -20.56 10.69
N SER C 59 -7.27 -19.48 11.35
CA SER C 59 -6.97 -19.32 12.77
C SER C 59 -8.13 -18.54 13.39
N TYR C 60 -8.79 -19.10 14.41
CA TYR C 60 -10.00 -18.52 14.95
C TYR C 60 -9.75 -17.90 16.31
N ALA C 61 -10.51 -16.86 16.63
CA ALA C 61 -10.49 -16.36 18.00
C ALA C 61 -11.01 -17.46 18.91
N GLN C 62 -10.36 -17.58 20.07
CA GLN C 62 -10.73 -18.53 21.11
C GLN C 62 -12.23 -18.60 21.35
N LYS C 63 -12.91 -17.44 21.32
CA LYS C 63 -14.35 -17.37 21.60
C LYS C 63 -15.19 -18.07 20.53
N PHE C 64 -14.67 -18.25 19.33
CA PHE C 64 -15.43 -18.89 18.27
C PHE C 64 -14.81 -20.19 17.77
N GLY C 65 -13.63 -20.55 18.26
CA GLY C 65 -12.89 -21.71 17.79
C GLY C 65 -13.69 -22.99 17.60
N ASP C 66 -14.62 -23.28 18.51
CA ASP C 66 -15.36 -24.53 18.43
C ASP C 66 -16.63 -24.46 17.59
N ARG C 67 -17.08 -23.28 17.15
CA ARG C 67 -18.35 -23.22 16.44
C ARG C 67 -18.33 -22.36 15.18
N VAL C 68 -17.14 -22.07 14.63
CA VAL C 68 -17.05 -21.37 13.36
C VAL C 68 -16.19 -22.18 12.38
N ILE C 69 -16.56 -22.13 11.11
CA ILE C 69 -15.74 -22.69 10.03
C ILE C 69 -15.64 -21.63 8.95
N MET C 70 -14.42 -21.28 8.58
CA MET C 70 -14.12 -20.38 7.48
C MET C 70 -13.54 -21.19 6.33
N THR C 71 -14.10 -21.02 5.14
CA THR C 71 -13.68 -21.77 3.96
C THR C 71 -13.62 -20.85 2.76
N SER C 72 -13.04 -21.37 1.69
CA SER C 72 -12.98 -20.66 0.42
C SER C 72 -13.32 -21.61 -0.70
N ASP C 73 -13.90 -21.06 -1.76
CA ASP C 73 -14.15 -21.77 -3.00
C ASP C 73 -13.46 -20.93 -4.06
N MET C 74 -12.24 -21.32 -4.43
CA MET C 74 -11.49 -20.47 -5.34
C MET C 74 -12.07 -20.52 -6.74
N SER C 75 -12.74 -21.63 -7.09
CA SER C 75 -13.42 -21.75 -8.38
C SER C 75 -14.51 -20.71 -8.58
N THR C 76 -15.02 -20.09 -7.51
CA THR C 76 -16.03 -19.03 -7.62
C THR C 76 -15.61 -17.75 -6.91
N SER C 77 -14.33 -17.62 -6.54
CA SER C 77 -13.78 -16.47 -5.81
C SER C 77 -14.68 -16.03 -4.64
N THR C 78 -15.09 -16.99 -3.82
CA THR C 78 -15.99 -16.73 -2.70
C THR C 78 -15.46 -17.34 -1.40
N ILE C 79 -15.53 -16.55 -0.34
CA ILE C 79 -15.19 -16.92 1.03
C ILE C 79 -16.49 -17.14 1.80
N TYR C 80 -16.45 -18.05 2.79
CA TYR C 80 -17.61 -18.37 3.61
C TYR C 80 -17.26 -18.35 5.09
N MET C 81 -18.24 -17.97 5.91
CA MET C 81 -18.12 -18.06 7.36
C MET C 81 -19.37 -18.77 7.89
N GLU C 82 -19.20 -19.91 8.53
CA GLU C 82 -20.35 -20.66 9.06
C GLU C 82 -20.28 -20.68 10.58
N LEU C 83 -21.32 -20.16 11.22
CA LEU C 83 -21.37 -20.01 12.66
C LEU C 83 -22.50 -20.89 13.20
N SER C 84 -22.17 -21.76 14.16
CA SER C 84 -23.11 -22.72 14.72
C SER C 84 -23.53 -22.36 16.15
N SER C 85 -24.52 -23.10 16.66
CA SER C 85 -25.09 -22.90 18.00
C SER C 85 -25.44 -21.43 18.23
N LEU C 86 -26.20 -20.87 17.29
CA LEU C 86 -26.51 -19.45 17.37
C LEU C 86 -27.35 -19.14 18.60
N ARG C 87 -27.12 -17.96 19.16
CA ARG C 87 -27.97 -17.42 20.21
C ARG C 87 -28.25 -15.97 19.93
N SER C 88 -29.23 -15.43 20.65
CA SER C 88 -29.65 -14.05 20.41
C SER C 88 -28.46 -13.11 20.53
N GLU C 89 -27.51 -13.40 21.43
CA GLU C 89 -26.29 -12.61 21.53
C GLU C 89 -25.44 -12.63 20.25
N ASP C 90 -25.67 -13.57 19.33
CA ASP C 90 -24.96 -13.52 18.05
C ASP C 90 -25.61 -12.61 17.02
N THR C 91 -26.68 -11.92 17.39
CA THR C 91 -27.32 -10.98 16.48
C THR C 91 -26.34 -9.85 16.16
N ALA C 92 -25.98 -9.71 14.90
CA ALA C 92 -24.99 -8.71 14.50
C ALA C 92 -24.90 -8.66 12.98
N VAL C 93 -24.22 -7.63 12.51
CA VAL C 93 -23.81 -7.49 11.13
C VAL C 93 -22.42 -8.11 11.04
N TYR C 94 -22.26 -9.08 10.14
CA TYR C 94 -21.01 -9.80 9.95
C TYR C 94 -20.31 -9.24 8.71
N TYR C 95 -19.03 -8.85 8.86
CA TYR C 95 -18.23 -8.32 7.77
C TYR C 95 -17.08 -9.26 7.43
N CYS C 96 -16.82 -9.42 6.13
CA CYS C 96 -15.53 -9.87 5.66
C CYS C 96 -14.66 -8.65 5.40
N ALA C 97 -13.37 -8.73 5.72
CA ALA C 97 -12.44 -7.64 5.50
C ALA C 97 -11.13 -8.17 4.93
N ARG C 98 -10.61 -7.48 3.92
CA ARG C 98 -9.33 -7.81 3.32
C ARG C 98 -8.20 -7.25 4.16
N ASP C 99 -7.12 -8.01 4.28
CA ASP C 99 -5.98 -7.68 5.16
C ASP C 99 -4.78 -7.32 4.28
N MET C 100 -4.51 -6.02 4.19
CA MET C 100 -3.36 -5.50 3.44
C MET C 100 -2.05 -5.86 4.14
N PRO C 101 -1.11 -6.51 3.46
CA PRO C 101 0.15 -6.80 4.16
C PRO C 101 0.87 -5.53 4.50
N TYR C 102 1.25 -5.39 5.75
CA TYR C 102 1.90 -4.22 6.25
C TYR C 102 2.60 -4.37 7.58
N TYR C 103 1.93 -4.87 8.59
CA TYR C 103 2.46 -5.02 9.91
C TYR C 103 3.33 -6.26 10.06
N HIS C 104 4.52 -6.20 9.54
CA HIS C 104 5.38 -7.33 9.57
C HIS C 104 5.89 -7.77 10.92
N ASP C 105 6.12 -6.87 11.85
CA ASP C 105 6.60 -7.19 13.18
C ASP C 105 5.60 -7.92 14.07
N SER C 106 4.36 -7.49 14.03
CA SER C 106 3.35 -8.07 14.85
C SER C 106 2.52 -9.11 14.18
N GLY C 107 2.43 -9.00 12.88
CA GLY C 107 1.64 -9.88 12.10
C GLY C 107 0.19 -9.49 12.05
N GLY C 108 -0.17 -8.30 12.50
CA GLY C 108 -1.52 -7.87 12.54
C GLY C 108 -2.12 -7.38 11.27
N PRO C 109 -3.42 -7.14 11.27
CA PRO C 109 -4.09 -6.75 10.06
C PRO C 109 -4.23 -5.28 9.73
N LEU C 110 -4.46 -5.01 8.47
CA LEU C 110 -4.73 -3.71 8.00
C LEU C 110 -5.94 -3.88 7.09
N PHE C 111 -7.11 -3.62 7.63
CA PHE C 111 -8.35 -3.80 6.93
C PHE C 111 -8.67 -2.78 5.84
N ASP C 112 -7.99 -2.99 4.74
CA ASP C 112 -8.02 -2.31 3.46
C ASP C 112 -9.39 -2.06 2.90
N LEU C 113 -10.26 -3.03 3.03
CA LEU C 113 -11.49 -3.04 2.27
C LEU C 113 -12.43 -4.00 2.95
N TRP C 114 -13.69 -3.58 3.10
CA TRP C 114 -14.68 -4.35 3.84
C TRP C 114 -15.84 -4.68 2.91
N GLY C 115 -16.42 -5.86 3.08
CA GLY C 115 -17.69 -6.14 2.46
C GLY C 115 -18.78 -5.23 3.03
N GLN C 116 -19.95 -5.26 2.38
CA GLN C 116 -21.02 -4.39 2.84
C GLN C 116 -21.67 -4.87 4.13
N GLY C 117 -21.39 -6.10 4.58
CA GLY C 117 -21.97 -6.62 5.82
C GLY C 117 -23.24 -7.42 5.55
N THR C 118 -23.48 -8.42 6.41
CA THR C 118 -24.79 -9.06 6.38
C THR C 118 -25.33 -9.19 7.80
N LEU C 119 -26.56 -8.75 7.96
CA LEU C 119 -27.24 -8.80 9.23
C LEU C 119 -27.69 -10.23 9.48
N VAL C 120 -27.38 -10.75 10.66
CA VAL C 120 -27.93 -12.01 11.15
C VAL C 120 -28.72 -11.75 12.41
N THR C 121 -30.01 -12.04 12.37
CA THR C 121 -30.87 -11.88 13.54
C THR C 121 -31.22 -13.27 14.08
N VAL C 122 -30.97 -13.48 15.37
CA VAL C 122 -31.25 -14.73 16.03
C VAL C 122 -32.29 -14.50 17.11
N SER C 123 -33.43 -15.18 17.00
CA SER C 123 -34.46 -15.01 18.01
C SER C 123 -35.33 -16.26 18.04
N SER C 124 -35.92 -16.52 19.20
CA SER C 124 -36.87 -17.62 19.28
C SER C 124 -38.25 -17.25 18.73
N ALA C 125 -38.47 -16.00 18.34
CA ALA C 125 -39.79 -15.58 17.86
C ALA C 125 -40.10 -16.23 16.51
N SER C 126 -41.39 -16.29 16.20
CA SER C 126 -41.87 -16.78 14.91
C SER C 126 -42.42 -15.63 14.09
N THR C 127 -42.40 -15.83 12.78
CA THR C 127 -42.84 -14.84 11.82
C THR C 127 -44.29 -14.44 12.12
N LYS C 128 -44.57 -13.14 12.08
CA LYS C 128 -45.89 -12.66 12.46
C LYS C 128 -46.06 -11.24 11.93
N GLY C 129 -47.14 -11.00 11.20
CA GLY C 129 -47.42 -9.69 10.65
C GLY C 129 -47.92 -8.72 11.71
N PRO C 130 -47.83 -7.41 11.44
CA PRO C 130 -48.23 -6.41 12.44
C PRO C 130 -49.73 -6.22 12.53
N SER C 131 -50.17 -5.72 13.69
CA SER C 131 -51.42 -4.96 13.79
C SER C 131 -51.13 -3.47 13.64
N VAL C 132 -52.00 -2.76 12.93
CA VAL C 132 -51.81 -1.34 12.64
C VAL C 132 -52.92 -0.54 13.32
N PHE C 133 -52.55 0.39 14.19
CA PHE C 133 -53.51 1.18 14.94
C PHE C 133 -53.33 2.66 14.59
N PRO C 134 -54.40 3.44 14.53
CA PRO C 134 -54.27 4.85 14.21
C PRO C 134 -53.71 5.63 15.39
N LEU C 135 -52.94 6.66 15.08
CA LEU C 135 -52.58 7.70 16.04
C LEU C 135 -53.39 8.92 15.60
N ALA C 136 -54.56 9.10 16.22
CA ALA C 136 -55.52 10.03 15.63
C ALA C 136 -55.20 11.48 16.03
N PRO C 137 -55.27 12.42 15.08
CA PRO C 137 -54.98 13.86 15.19
C PRO C 137 -55.54 14.51 16.45
N GLY C 144 -50.53 25.50 16.89
CA GLY C 144 -50.12 26.57 15.98
C GLY C 144 -50.33 26.32 14.51
N GLY C 145 -51.50 25.80 14.13
CA GLY C 145 -51.82 25.54 12.74
C GLY C 145 -51.36 24.20 12.20
N THR C 146 -50.63 23.42 13.00
CA THR C 146 -50.06 22.14 12.56
C THR C 146 -50.62 21.03 13.43
N ALA C 147 -51.03 19.93 12.78
CA ALA C 147 -51.53 18.76 13.46
C ALA C 147 -50.65 17.57 13.14
N ALA C 148 -50.57 16.63 14.07
CA ALA C 148 -49.82 15.40 13.90
C ALA C 148 -50.76 14.20 13.95
N LEU C 149 -50.48 13.20 13.13
CA LEU C 149 -51.23 11.95 13.11
C LEU C 149 -50.27 10.85 12.68
N GLY C 150 -50.69 9.60 12.84
CA GLY C 150 -49.77 8.53 12.49
C GLY C 150 -50.37 7.16 12.63
N CYS C 151 -49.49 6.17 12.55
CA CYS C 151 -49.88 4.77 12.65
C CYS C 151 -48.92 4.05 13.58
N LEU C 152 -49.48 3.27 14.50
CA LEU C 152 -48.70 2.40 15.37
C LEU C 152 -48.70 1.00 14.76
N VAL C 153 -47.53 0.53 14.39
CA VAL C 153 -47.35 -0.75 13.73
C VAL C 153 -46.77 -1.71 14.75
N LYS C 154 -47.62 -2.56 15.33
CA LYS C 154 -47.31 -3.23 16.58
C LYS C 154 -47.28 -4.74 16.43
N ASP C 155 -46.35 -5.36 17.15
CA ASP C 155 -46.30 -6.80 17.38
C ASP C 155 -45.99 -7.61 16.11
N TYR C 156 -44.85 -7.31 15.47
CA TYR C 156 -44.43 -8.05 14.29
C TYR C 156 -43.01 -8.60 14.45
N PHE C 157 -42.70 -9.57 13.60
CA PHE C 157 -41.39 -10.22 13.56
C PHE C 157 -41.23 -10.93 12.23
N PRO C 158 -40.04 -10.86 11.62
CA PRO C 158 -38.89 -10.06 12.03
C PRO C 158 -38.96 -8.67 11.42
N GLU C 159 -37.90 -7.89 11.58
CA GLU C 159 -37.75 -6.69 10.79
C GLU C 159 -37.46 -7.12 9.35
N PRO C 160 -37.72 -6.26 8.36
CA PRO C 160 -38.24 -4.89 8.44
C PRO C 160 -39.71 -4.77 8.04
N VAL C 161 -40.27 -3.61 8.33
CA VAL C 161 -41.56 -3.19 7.83
C VAL C 161 -41.34 -1.87 7.11
N THR C 162 -42.00 -1.65 5.97
CA THR C 162 -42.03 -0.34 5.34
C THR C 162 -43.36 0.33 5.62
N VAL C 163 -43.34 1.66 5.78
CA VAL C 163 -44.53 2.48 5.91
C VAL C 163 -44.43 3.60 4.89
N SER C 164 -45.46 3.77 4.06
CA SER C 164 -45.61 4.97 3.25
C SER C 164 -46.93 5.63 3.63
N TRP C 165 -47.13 6.84 3.10
CA TRP C 165 -48.37 7.57 3.33
C TRP C 165 -48.99 7.97 2.01
N ASN C 166 -50.27 7.63 1.85
CA ASN C 166 -51.00 7.86 0.60
C ASN C 166 -50.20 7.35 -0.61
N SER C 167 -49.72 6.11 -0.48
CA SER C 167 -49.08 5.40 -1.59
C SER C 167 -47.89 6.18 -2.15
N GLY C 168 -47.17 6.89 -1.27
CA GLY C 168 -45.98 7.62 -1.68
C GLY C 168 -46.19 9.08 -2.01
N ALA C 169 -47.43 9.55 -2.14
CA ALA C 169 -47.65 10.94 -2.49
C ALA C 169 -47.35 11.90 -1.34
N LEU C 170 -47.37 11.40 -0.10
CA LEU C 170 -47.15 12.22 1.08
C LEU C 170 -45.81 11.82 1.69
N THR C 171 -44.80 12.69 1.53
CA THR C 171 -43.45 12.48 2.07
C THR C 171 -42.99 13.58 3.02
N SER C 172 -43.43 14.84 2.81
CA SER C 172 -43.01 15.94 3.67
C SER C 172 -43.58 15.79 5.08
N GLY C 173 -42.71 15.94 6.08
CA GLY C 173 -43.16 15.91 7.46
C GLY C 173 -43.34 14.52 8.03
N VAL C 174 -42.95 13.50 7.30
CA VAL C 174 -43.08 12.11 7.74
C VAL C 174 -41.86 11.73 8.55
N HIS C 175 -42.10 11.12 9.72
CA HIS C 175 -41.04 10.48 10.50
C HIS C 175 -41.49 9.05 10.81
N THR C 176 -40.75 8.09 10.30
CA THR C 176 -40.94 6.68 10.65
C THR C 176 -39.81 6.27 11.59
N PHE C 177 -40.16 5.96 12.86
CA PHE C 177 -39.17 5.75 13.89
C PHE C 177 -38.55 4.35 13.78
N PRO C 178 -37.30 4.20 14.25
CA PRO C 178 -36.72 2.87 14.40
C PRO C 178 -37.63 2.04 15.30
N ALA C 179 -37.75 0.76 14.94
CA ALA C 179 -38.53 -0.18 15.73
C ALA C 179 -37.88 -0.39 17.09
N VAL C 180 -38.70 -0.72 18.09
CA VAL C 180 -38.20 -1.18 19.37
C VAL C 180 -38.61 -2.63 19.52
N LEU C 181 -37.75 -3.41 20.17
CA LEU C 181 -38.00 -4.83 20.41
C LEU C 181 -38.61 -4.96 21.79
N GLN C 182 -39.85 -5.46 21.84
CA GLN C 182 -40.58 -5.56 23.10
C GLN C 182 -40.18 -6.81 23.86
N SER C 183 -40.54 -6.83 25.16
CA SER C 183 -40.34 -8.01 26.00
C SER C 183 -40.86 -9.28 25.35
N SER C 184 -41.95 -9.18 24.58
CA SER C 184 -42.52 -10.36 23.96
C SER C 184 -41.63 -10.97 22.89
N GLY C 185 -40.61 -10.25 22.43
CA GLY C 185 -39.83 -10.69 21.29
C GLY C 185 -40.31 -10.17 19.95
N LEU C 186 -41.42 -9.43 19.93
CA LEU C 186 -41.96 -8.82 18.72
C LEU C 186 -41.57 -7.36 18.68
N TYR C 187 -41.50 -6.80 17.48
CA TYR C 187 -41.15 -5.39 17.28
C TYR C 187 -42.38 -4.50 17.28
N SER C 188 -42.13 -3.20 17.46
CA SER C 188 -43.18 -2.19 17.44
C SER C 188 -42.56 -0.89 16.95
N LEU C 189 -43.23 -0.20 16.03
CA LEU C 189 -42.78 1.12 15.61
C LEU C 189 -43.97 2.02 15.36
N SER C 190 -43.69 3.32 15.33
CA SER C 190 -44.64 4.34 14.92
C SER C 190 -44.12 5.03 13.67
N SER C 191 -45.06 5.45 12.85
CA SER C 191 -44.80 6.37 11.74
C SER C 191 -45.77 7.52 11.93
N VAL C 192 -45.26 8.77 11.86
CA VAL C 192 -46.08 9.94 12.11
C VAL C 192 -45.87 10.93 10.96
N VAL C 193 -46.82 11.84 10.83
CA VAL C 193 -46.67 12.93 9.85
C VAL C 193 -47.38 14.15 10.42
N THR C 194 -46.77 15.34 10.21
CA THR C 194 -47.39 16.62 10.55
C THR C 194 -48.01 17.24 9.30
N VAL C 195 -49.21 17.77 9.46
CA VAL C 195 -49.97 18.37 8.36
C VAL C 195 -50.65 19.63 8.85
N PRO C 196 -51.11 20.48 7.93
CA PRO C 196 -51.89 21.66 8.34
C PRO C 196 -53.21 21.24 8.95
N SER C 197 -53.54 21.84 10.09
CA SER C 197 -54.81 21.52 10.77
C SER C 197 -55.99 21.74 9.84
N SER C 198 -55.88 22.69 8.92
CA SER C 198 -56.98 22.98 8.00
C SER C 198 -57.27 21.82 7.06
N SER C 199 -56.29 20.94 6.84
CA SER C 199 -56.47 19.82 5.92
C SER C 199 -57.17 18.62 6.56
N LEU C 200 -57.37 18.62 7.88
CA LEU C 200 -57.94 17.44 8.53
C LEU C 200 -59.34 17.15 8.04
N GLY C 201 -60.15 18.19 7.81
CA GLY C 201 -61.47 18.00 7.26
C GLY C 201 -61.47 17.60 5.80
N THR C 202 -60.42 17.94 5.07
CA THR C 202 -60.39 17.88 3.61
C THR C 202 -59.55 16.74 3.05
N GLN C 203 -58.34 16.53 3.57
CA GLN C 203 -57.42 15.55 3.01
C GLN C 203 -57.56 14.20 3.69
N THR C 204 -57.63 13.13 2.89
CA THR C 204 -57.61 11.78 3.40
C THR C 204 -56.17 11.33 3.62
N TYR C 205 -55.93 10.64 4.74
CA TYR C 205 -54.60 10.15 5.11
C TYR C 205 -54.65 8.65 5.33
N ILE C 206 -53.91 7.91 4.51
CA ILE C 206 -53.79 6.45 4.59
C ILE C 206 -52.32 6.13 4.84
N CYS C 207 -52.04 5.29 5.83
CA CYS C 207 -50.71 4.72 5.95
C CYS C 207 -50.71 3.33 5.32
N ASN C 208 -49.68 3.05 4.54
CA ASN C 208 -49.55 1.77 3.82
C ASN C 208 -48.41 0.99 4.48
N VAL C 209 -48.75 -0.08 5.15
CA VAL C 209 -47.79 -0.88 5.88
C VAL C 209 -47.55 -2.16 5.10
N ASN C 210 -46.28 -2.47 4.86
CA ASN C 210 -45.95 -3.71 4.15
C ASN C 210 -44.90 -4.45 4.97
N HIS C 211 -45.23 -5.68 5.37
CA HIS C 211 -44.34 -6.55 6.12
C HIS C 211 -44.05 -7.76 5.24
N LYS C 212 -43.01 -7.65 4.40
CA LYS C 212 -42.74 -8.71 3.42
C LYS C 212 -42.49 -10.06 4.05
N PRO C 213 -41.71 -10.21 5.14
CA PRO C 213 -41.49 -11.54 5.73
C PRO C 213 -42.74 -12.34 6.04
N SER C 214 -43.88 -11.71 6.33
CA SER C 214 -45.12 -12.45 6.56
C SER C 214 -46.12 -12.32 5.42
N ASN C 215 -45.77 -11.61 4.34
CA ASN C 215 -46.69 -11.25 3.26
C ASN C 215 -47.96 -10.60 3.81
N THR C 216 -47.78 -9.58 4.64
CA THR C 216 -48.87 -8.84 5.27
C THR C 216 -48.83 -7.40 4.80
N LYS C 217 -49.89 -6.94 4.14
CA LYS C 217 -50.06 -5.53 3.83
C LYS C 217 -51.34 -5.02 4.46
N VAL C 218 -51.26 -3.81 5.00
CA VAL C 218 -52.39 -3.14 5.64
C VAL C 218 -52.38 -1.68 5.22
N ASP C 219 -53.54 -1.17 4.80
CA ASP C 219 -53.76 0.27 4.63
C ASP C 219 -54.73 0.71 5.70
N LYS C 220 -54.32 1.65 6.53
CA LYS C 220 -55.17 2.21 7.56
C LYS C 220 -55.43 3.66 7.23
N ARG C 221 -56.68 4.00 7.16
CA ARG C 221 -57.08 5.36 7.02
C ARG C 221 -57.12 5.96 8.42
N VAL C 222 -56.44 7.03 8.65
CA VAL C 222 -56.35 7.66 9.96
C VAL C 222 -57.17 8.94 9.90
N GLU C 223 -58.21 9.03 10.72
CA GLU C 223 -59.08 10.21 10.73
C GLU C 223 -59.18 10.78 12.13
N PRO C 224 -59.56 12.07 12.23
CA PRO C 224 -59.71 12.76 13.50
C PRO C 224 -60.97 12.35 14.23
N LYS C 225 -60.82 11.85 15.46
CA LYS C 225 -61.94 11.46 16.31
C LYS C 225 -62.92 10.53 15.57
N GLU D 1 -6.65 -9.42 26.99
CA GLU D 1 -7.16 -8.69 25.82
C GLU D 1 -7.03 -7.17 25.96
N ILE D 2 -6.55 -6.53 24.90
CA ILE D 2 -6.28 -5.11 24.92
C ILE D 2 -7.59 -4.34 24.74
N VAL D 3 -7.95 -3.55 25.76
CA VAL D 3 -9.18 -2.77 25.71
C VAL D 3 -8.86 -1.41 25.08
N MET D 4 -9.65 -1.01 24.09
CA MET D 4 -9.46 0.25 23.38
C MET D 4 -10.48 1.26 23.89
N THR D 5 -10.01 2.33 24.52
CA THR D 5 -10.90 3.35 25.08
C THR D 5 -10.80 4.62 24.26
N GLN D 6 -11.88 4.94 23.55
CA GLN D 6 -11.97 6.19 22.79
C GLN D 6 -12.69 7.24 23.64
N SER D 7 -12.35 8.50 23.39
CA SER D 7 -13.05 9.63 24.01
C SER D 7 -12.89 10.86 23.12
N PRO D 8 -13.94 11.72 23.06
CA PRO D 8 -15.22 11.50 23.74
C PRO D 8 -16.07 10.43 23.05
N SER D 9 -17.12 9.93 23.71
CA SER D 9 -17.99 8.96 23.05
C SER D 9 -18.78 9.61 21.93
N SER D 10 -19.06 10.90 22.04
CA SER D 10 -19.77 11.63 20.99
C SER D 10 -19.38 13.10 21.12
N LEU D 11 -19.50 13.82 20.00
CA LEU D 11 -18.99 15.17 19.88
C LEU D 11 -19.87 15.94 18.89
N SER D 12 -20.37 17.10 19.32
CA SER D 12 -21.14 18.00 18.47
C SER D 12 -20.20 19.07 17.91
N ALA D 13 -20.19 19.22 16.58
CA ALA D 13 -19.27 20.14 15.94
C ALA D 13 -19.91 20.73 14.69
N SER D 14 -19.31 21.79 14.16
CA SER D 14 -19.82 22.47 12.99
C SER D 14 -18.80 22.39 11.87
N VAL D 15 -19.29 22.53 10.63
CA VAL D 15 -18.38 22.61 9.50
C VAL D 15 -17.35 23.70 9.74
N GLY D 16 -16.07 23.38 9.54
CA GLY D 16 -14.99 24.31 9.78
C GLY D 16 -14.32 24.13 11.13
N ASP D 17 -14.94 23.42 12.05
CA ASP D 17 -14.32 23.14 13.34
C ASP D 17 -13.10 22.25 13.17
N ARG D 18 -12.20 22.36 14.13
CA ARG D 18 -11.12 21.38 14.28
C ARG D 18 -11.50 20.44 15.41
N VAL D 19 -11.46 19.14 15.11
CA VAL D 19 -11.86 18.13 16.08
C VAL D 19 -10.72 17.15 16.26
N THR D 20 -10.49 16.77 17.52
CA THR D 20 -9.47 15.81 17.91
C THR D 20 -10.10 14.73 18.78
N ILE D 21 -9.89 13.47 18.38
CA ILE D 21 -10.42 12.28 19.04
C ILE D 21 -9.25 11.51 19.62
N THR D 22 -9.46 10.87 20.75
CA THR D 22 -8.40 10.20 21.49
C THR D 22 -8.72 8.72 21.62
N CYS D 23 -7.67 7.89 21.64
CA CYS D 23 -7.80 6.46 21.80
C CYS D 23 -6.68 6.01 22.71
N ARG D 24 -7.02 5.32 23.79
CA ARG D 24 -6.01 4.83 24.74
C ARG D 24 -6.14 3.33 24.89
N PRO D 25 -5.21 2.55 24.37
CA PRO D 25 -5.23 1.10 24.66
C PRO D 25 -4.76 0.86 26.09
N SER D 26 -5.20 -0.28 26.65
CA SER D 26 -4.82 -0.69 27.99
C SER D 26 -3.39 -1.19 28.09
N GLN D 27 -2.73 -1.45 26.96
CA GLN D 27 -1.34 -1.86 26.90
C GLN D 27 -0.69 -1.16 25.71
N SER D 28 0.61 -0.97 25.80
CA SER D 28 1.35 -0.36 24.70
C SER D 28 1.22 -1.22 23.44
N ILE D 29 0.97 -0.54 22.32
CA ILE D 29 0.74 -1.24 21.06
C ILE D 29 1.65 -0.66 19.99
N SER D 30 2.80 -0.14 20.43
CA SER D 30 3.77 0.52 19.55
C SER D 30 3.04 1.54 18.69
N THR D 31 3.16 1.49 17.36
CA THR D 31 2.38 2.36 16.50
C THR D 31 1.33 1.60 15.68
N PHE D 32 1.00 0.36 16.08
CA PHE D 32 0.19 -0.52 15.23
C PHE D 32 -1.30 -0.25 15.51
N LEU D 33 -1.73 0.93 15.06
CA LEU D 33 -3.05 1.48 15.35
C LEU D 33 -3.67 2.01 14.06
N ASN D 34 -4.88 1.57 13.76
CA ASN D 34 -5.63 2.00 12.59
C ASN D 34 -6.89 2.76 13.02
N TRP D 35 -7.32 3.69 12.16
CA TRP D 35 -8.55 4.43 12.33
C TRP D 35 -9.47 4.16 11.14
N TYR D 36 -10.75 3.93 11.44
CA TYR D 36 -11.78 3.74 10.44
C TYR D 36 -12.91 4.74 10.67
N GLU D 37 -13.58 5.08 9.58
CA GLU D 37 -14.82 5.85 9.60
C GLU D 37 -15.97 4.95 9.16
N GLN D 38 -17.14 5.12 9.78
CA GLN D 38 -18.35 4.39 9.41
C GLN D 38 -19.58 5.29 9.42
N LYS D 39 -20.37 5.21 8.36
CA LYS D 39 -21.67 5.87 8.35
C LYS D 39 -22.80 4.84 8.48
N PRO D 40 -23.98 5.26 8.97
CA PRO D 40 -25.06 4.29 9.22
C PRO D 40 -25.40 3.43 8.00
N GLY D 41 -25.50 2.12 8.23
CA GLY D 41 -25.84 1.18 7.19
C GLY D 41 -24.73 0.87 6.22
N LYS D 42 -23.53 1.42 6.44
CA LYS D 42 -22.39 1.19 5.57
C LYS D 42 -21.29 0.50 6.36
N ALA D 43 -20.36 -0.07 5.61
CA ALA D 43 -19.17 -0.72 6.13
C ALA D 43 -18.13 0.33 6.53
N PRO D 44 -17.21 -0.01 7.44
CA PRO D 44 -16.13 0.93 7.75
C PRO D 44 -15.21 1.15 6.56
N LYS D 45 -14.55 2.32 6.58
CA LYS D 45 -13.54 2.71 5.61
C LYS D 45 -12.25 3.07 6.34
N LEU D 46 -11.13 2.55 5.86
CA LEU D 46 -9.82 2.83 6.44
C LEU D 46 -9.40 4.28 6.19
N LEU D 47 -8.99 4.97 7.25
CA LEU D 47 -8.49 6.35 7.16
C LEU D 47 -7.00 6.45 7.40
N ILE D 48 -6.54 5.85 8.48
CA ILE D 48 -5.18 6.02 8.96
C ILE D 48 -4.65 4.66 9.39
N TYR D 49 -3.40 4.39 9.05
CA TYR D 49 -2.72 3.19 9.52
C TYR D 49 -1.38 3.59 10.12
N ASP D 50 -0.84 2.67 10.94
CA ASP D 50 0.44 2.87 11.61
C ASP D 50 0.43 4.19 12.40
N ALA D 51 -0.74 4.52 12.96
CA ALA D 51 -0.97 5.68 13.83
C ALA D 51 -0.96 7.00 13.07
N SER D 52 -0.10 7.16 12.07
CA SER D 52 0.10 8.46 11.41
C SER D 52 0.04 8.45 9.89
N SER D 53 -0.01 7.30 9.23
CA SER D 53 0.00 7.29 7.77
C SER D 53 -1.40 7.40 7.23
N LEU D 54 -1.55 8.24 6.22
CA LEU D 54 -2.84 8.49 5.62
C LEU D 54 -3.07 7.48 4.50
N GLN D 55 -4.25 6.86 4.48
CA GLN D 55 -4.61 5.92 3.42
C GLN D 55 -4.85 6.68 2.13
N SER D 56 -4.51 6.08 1.00
CA SER D 56 -4.64 6.82 -0.25
C SER D 56 -6.10 7.11 -0.55
N GLY D 57 -6.36 8.33 -1.03
CA GLY D 57 -7.70 8.80 -1.29
C GLY D 57 -8.35 9.55 -0.15
N VAL D 58 -7.79 9.50 1.05
CA VAL D 58 -8.39 10.20 2.17
C VAL D 58 -7.90 11.65 2.20
N PRO D 59 -8.79 12.63 2.41
CA PRO D 59 -8.41 14.05 2.36
C PRO D 59 -7.31 14.44 3.35
N SER D 60 -6.52 15.43 2.93
CA SER D 60 -5.40 15.96 3.72
C SER D 60 -5.84 16.50 5.09
N ARG D 61 -7.10 16.90 5.26
CA ARG D 61 -7.51 17.43 6.56
C ARG D 61 -7.43 16.38 7.67
N PHE D 62 -7.43 15.09 7.33
CA PHE D 62 -7.24 14.03 8.31
C PHE D 62 -5.77 13.84 8.65
N SER D 63 -5.46 13.70 9.93
CA SER D 63 -4.12 13.34 10.35
C SER D 63 -4.22 12.52 11.63
N GLY D 64 -3.17 11.76 11.90
CA GLY D 64 -3.13 10.94 13.09
C GLY D 64 -1.77 11.03 13.75
N SER D 65 -1.77 10.80 15.06
CA SER D 65 -0.56 10.92 15.86
C SER D 65 -0.62 9.97 17.04
N GLY D 66 0.55 9.56 17.52
CA GLY D 66 0.63 8.86 18.79
C GLY D 66 1.50 7.63 18.70
N SER D 67 1.75 7.06 19.89
CA SER D 67 2.49 5.81 20.04
C SER D 67 2.27 5.31 21.46
N GLY D 68 2.62 4.06 21.70
CA GLY D 68 2.52 3.49 23.03
C GLY D 68 1.09 3.26 23.50
N THR D 69 0.55 4.20 24.30
CA THR D 69 -0.80 4.10 24.83
C THR D 69 -1.63 5.37 24.64
N GLU D 70 -1.19 6.32 23.80
CA GLU D 70 -1.98 7.52 23.56
C GLU D 70 -1.96 7.86 22.08
N PHE D 71 -3.15 7.93 21.48
CA PHE D 71 -3.27 8.16 20.05
C PHE D 71 -4.38 9.16 19.78
N THR D 72 -4.20 9.99 18.77
CA THR D 72 -5.27 10.89 18.37
C THR D 72 -5.47 10.86 16.87
N LEU D 73 -6.69 11.18 16.49
CA LEU D 73 -7.10 11.48 15.12
C LEU D 73 -7.55 12.93 15.11
N THR D 74 -7.07 13.70 14.15
CA THR D 74 -7.42 15.12 14.06
C THR D 74 -7.99 15.41 12.69
N ILE D 75 -9.13 16.11 12.68
CA ILE D 75 -9.69 16.67 11.45
C ILE D 75 -9.49 18.18 11.51
N SER D 76 -8.72 18.72 10.56
CA SER D 76 -8.23 20.10 10.69
C SER D 76 -9.35 21.12 10.52
N SER D 77 -10.24 20.91 9.57
CA SER D 77 -11.49 21.69 9.50
C SER D 77 -12.56 20.81 8.88
N LEU D 78 -13.62 20.56 9.65
CA LEU D 78 -14.64 19.59 9.27
C LEU D 78 -15.37 19.98 7.98
N GLN D 79 -15.71 18.97 7.20
CA GLN D 79 -16.51 19.07 5.98
C GLN D 79 -17.82 18.31 6.21
N PRO D 80 -18.87 18.62 5.44
CA PRO D 80 -20.17 17.96 5.67
C PRO D 80 -20.14 16.44 5.55
N GLU D 81 -19.22 15.88 4.75
CA GLU D 81 -19.19 14.43 4.62
C GLU D 81 -18.43 13.75 5.74
N ASP D 82 -17.91 14.51 6.71
CA ASP D 82 -17.11 13.95 7.80
C ASP D 82 -17.94 13.58 9.02
N PHE D 83 -19.25 13.81 9.01
CA PHE D 83 -20.08 13.44 10.16
C PHE D 83 -20.38 11.95 10.07
N ALA D 84 -19.89 11.21 11.05
CA ALA D 84 -19.83 9.75 11.01
C ALA D 84 -19.32 9.29 12.36
N THR D 85 -19.15 7.97 12.53
CA THR D 85 -18.53 7.43 13.73
C THR D 85 -17.13 6.97 13.37
N TYR D 86 -16.19 7.23 14.28
CA TYR D 86 -14.78 6.92 14.07
C TYR D 86 -14.33 5.88 15.07
N TYR D 87 -13.66 4.83 14.58
CA TYR D 87 -13.18 3.73 15.41
C TYR D 87 -11.67 3.60 15.29
N CYS D 88 -11.00 3.40 16.43
CA CYS D 88 -9.62 2.96 16.45
C CYS D 88 -9.57 1.43 16.55
N GLN D 89 -8.42 0.85 16.19
CA GLN D 89 -8.29 -0.60 16.16
C GLN D 89 -6.81 -0.98 16.25
N GLN D 90 -6.45 -1.84 17.20
CA GLN D 90 -5.05 -2.20 17.41
C GLN D 90 -4.70 -3.47 16.64
N SER D 91 -3.55 -3.43 15.99
CA SER D 91 -3.03 -4.55 15.21
C SER D 91 -1.76 -5.12 15.86
N PHE D 92 -1.63 -4.95 17.17
CA PHE D 92 -0.44 -5.37 17.90
C PHE D 92 -0.50 -6.85 18.31
N SER D 93 -1.67 -7.34 18.74
CA SER D 93 -1.75 -8.72 19.21
C SER D 93 -3.18 -9.23 19.19
N THR D 94 -3.34 -10.54 18.97
CA THR D 94 -4.65 -11.21 19.01
C THR D 94 -5.24 -11.35 20.42
N PRO D 95 -6.58 -11.30 20.52
CA PRO D 95 -7.54 -11.03 19.44
C PRO D 95 -7.48 -9.55 19.07
N TYR D 96 -7.62 -9.17 17.80
CA TYR D 96 -7.55 -7.75 17.45
C TYR D 96 -8.82 -7.03 17.89
N THR D 97 -8.65 -5.88 18.53
CA THR D 97 -9.75 -5.22 19.24
C THR D 97 -9.93 -3.80 18.75
N PHE D 98 -11.17 -3.33 18.81
CA PHE D 98 -11.61 -2.02 18.34
C PHE D 98 -12.12 -1.20 19.53
N GLY D 99 -12.01 0.12 19.44
CA GLY D 99 -12.70 0.97 20.37
C GLY D 99 -14.20 0.95 20.14
N GLN D 100 -14.92 1.66 21.02
CA GLN D 100 -16.36 1.66 20.90
C GLN D 100 -16.88 2.80 20.04
N GLY D 101 -16.01 3.64 19.52
CA GLY D 101 -16.41 4.61 18.53
C GLY D 101 -16.61 5.99 19.12
N THR D 102 -16.32 7.00 18.32
CA THR D 102 -16.68 8.39 18.61
C THR D 102 -17.60 8.86 17.49
N ARG D 103 -18.80 9.31 17.86
CA ARG D 103 -19.76 9.76 16.87
C ARG D 103 -19.72 11.29 16.76
N LEU D 104 -19.56 11.80 15.54
CA LEU D 104 -19.61 13.23 15.24
C LEU D 104 -20.97 13.60 14.68
N GLU D 105 -21.71 14.46 15.39
CA GLU D 105 -23.00 14.92 14.89
C GLU D 105 -22.95 16.43 14.62
N ILE D 106 -23.88 16.88 13.78
CA ILE D 106 -23.94 18.26 13.33
C ILE D 106 -24.51 19.12 14.46
N LYS D 107 -23.75 20.15 14.85
CA LYS D 107 -24.27 21.14 15.79
C LYS D 107 -25.14 22.15 15.05
N ARG D 108 -26.23 22.57 15.68
CA ARG D 108 -27.09 23.59 15.11
C ARG D 108 -27.66 24.38 16.28
N THR D 109 -28.44 25.42 15.99
CA THR D 109 -29.03 26.19 17.08
C THR D 109 -30.04 25.34 17.83
N VAL D 110 -30.29 25.71 19.09
CA VAL D 110 -31.26 25.02 19.91
C VAL D 110 -32.65 25.18 19.29
N ALA D 111 -33.44 24.10 19.35
CA ALA D 111 -34.78 24.06 18.76
C ALA D 111 -35.67 23.24 19.68
N ALA D 112 -36.72 23.85 20.20
CA ALA D 112 -37.54 23.14 21.18
C ALA D 112 -38.47 22.15 20.49
N PRO D 113 -38.77 21.02 21.13
CA PRO D 113 -39.71 20.06 20.53
C PRO D 113 -41.12 20.62 20.44
N SER D 114 -41.81 20.25 19.36
CA SER D 114 -43.26 20.26 19.34
C SER D 114 -43.76 18.91 19.85
N VAL D 115 -44.70 18.93 20.80
CA VAL D 115 -45.11 17.72 21.52
C VAL D 115 -46.56 17.38 21.23
N PHE D 116 -46.85 16.08 21.04
CA PHE D 116 -48.21 15.61 20.78
C PHE D 116 -48.44 14.32 21.55
N ILE D 117 -49.66 14.12 22.05
CA ILE D 117 -49.99 12.88 22.76
C ILE D 117 -51.13 12.18 22.04
N PHE D 118 -51.10 10.85 22.03
CA PHE D 118 -52.09 10.03 21.32
C PHE D 118 -52.64 8.99 22.27
N PRO D 119 -53.95 8.98 22.53
CA PRO D 119 -54.54 7.93 23.36
C PRO D 119 -54.49 6.60 22.63
N PRO D 120 -54.68 5.48 23.35
CA PRO D 120 -54.89 4.19 22.68
C PRO D 120 -56.14 4.22 21.81
N SER D 121 -56.08 3.50 20.69
CA SER D 121 -57.24 3.38 19.84
C SER D 121 -58.22 2.37 20.43
N ASP D 122 -59.49 2.52 20.07
CA ASP D 122 -60.48 1.56 20.53
C ASP D 122 -60.18 0.16 20.01
N GLU D 123 -59.65 0.06 18.78
CA GLU D 123 -59.40 -1.28 18.25
C GLU D 123 -58.29 -1.97 19.02
N GLN D 124 -57.24 -1.25 19.43
CA GLN D 124 -56.22 -1.90 20.25
C GLN D 124 -56.79 -2.35 21.58
N LEU D 125 -57.61 -1.50 22.22
CA LEU D 125 -58.18 -1.85 23.52
C LEU D 125 -58.97 -3.16 23.44
N LYS D 126 -59.65 -3.40 22.33
CA LYS D 126 -60.37 -4.65 22.13
C LYS D 126 -59.47 -5.87 22.32
N SER D 127 -58.16 -5.72 22.08
CA SER D 127 -57.21 -6.83 22.16
C SER D 127 -56.53 -6.96 23.53
N GLY D 128 -56.80 -6.05 24.46
CA GLY D 128 -56.37 -6.27 25.84
C GLY D 128 -55.10 -5.55 26.28
N THR D 129 -54.48 -4.76 25.42
CA THR D 129 -53.43 -3.86 25.88
C THR D 129 -53.67 -2.46 25.34
N ALA D 130 -52.97 -1.52 25.95
CA ALA D 130 -53.11 -0.12 25.63
C ALA D 130 -51.71 0.45 25.41
N SER D 131 -51.53 1.19 24.32
CA SER D 131 -50.30 1.92 24.07
C SER D 131 -50.66 3.40 24.00
N VAL D 132 -50.04 4.21 24.86
CA VAL D 132 -50.15 5.67 24.76
C VAL D 132 -48.85 6.20 24.17
N VAL D 133 -48.95 7.06 23.16
CA VAL D 133 -47.78 7.49 22.40
C VAL D 133 -47.59 9.00 22.56
N CYS D 134 -46.35 9.41 22.83
CA CYS D 134 -45.95 10.80 22.90
C CYS D 134 -44.89 11.07 21.83
N LEU D 135 -45.11 12.11 21.04
CA LEU D 135 -44.24 12.50 19.93
C LEU D 135 -43.56 13.81 20.28
N LEU D 136 -42.23 13.84 20.16
CA LEU D 136 -41.47 15.09 20.24
C LEU D 136 -40.87 15.34 18.87
N ASN D 137 -41.34 16.38 18.20
CA ASN D 137 -41.03 16.58 16.80
C ASN D 137 -40.00 17.70 16.61
N ASN D 138 -38.95 17.38 15.86
CA ASN D 138 -37.97 18.33 15.30
C ASN D 138 -37.33 19.24 16.36
N PHE D 139 -36.48 18.64 17.20
CA PHE D 139 -35.81 19.38 18.27
C PHE D 139 -34.30 19.19 18.17
N TYR D 140 -33.56 20.02 18.91
CA TYR D 140 -32.09 19.99 18.99
C TYR D 140 -31.69 20.81 20.23
N PRO D 141 -30.76 20.31 21.07
CA PRO D 141 -30.01 19.07 20.90
C PRO D 141 -30.84 17.82 21.23
N ARG D 142 -30.17 16.68 21.14
CA ARG D 142 -30.85 15.38 21.23
C ARG D 142 -31.34 15.09 22.64
N GLU D 143 -30.67 15.60 23.66
CA GLU D 143 -31.04 15.28 25.03
C GLU D 143 -32.42 15.86 25.33
N ALA D 144 -33.29 15.02 25.88
CA ALA D 144 -34.66 15.42 26.20
C ALA D 144 -35.17 14.43 27.23
N LYS D 145 -35.95 14.91 28.20
CA LYS D 145 -36.56 14.00 29.16
C LYS D 145 -38.06 13.94 28.91
N VAL D 146 -38.57 12.72 28.77
CA VAL D 146 -40.00 12.45 28.60
C VAL D 146 -40.47 11.78 29.87
N GLN D 147 -41.45 12.36 30.54
CA GLN D 147 -41.91 11.80 31.79
C GLN D 147 -43.40 11.51 31.67
N TRP D 148 -43.78 10.25 31.89
CA TRP D 148 -45.16 9.83 31.83
C TRP D 148 -45.78 9.94 33.22
N LYS D 149 -47.02 10.40 33.27
CA LYS D 149 -47.78 10.43 34.51
C LYS D 149 -49.18 9.91 34.29
N VAL D 150 -49.67 9.13 35.24
CA VAL D 150 -51.01 8.57 35.18
C VAL D 150 -51.67 8.90 36.51
N ASP D 151 -52.74 9.70 36.46
CA ASP D 151 -53.37 10.22 37.68
C ASP D 151 -52.29 10.79 38.60
N ASN D 152 -51.36 11.54 37.99
CA ASN D 152 -50.21 12.17 38.64
C ASN D 152 -49.24 11.17 39.29
N ALA D 153 -49.30 9.91 38.92
CA ALA D 153 -48.30 8.95 39.34
C ALA D 153 -47.22 8.86 38.27
N LEU D 154 -45.97 9.11 38.66
CA LEU D 154 -44.86 9.07 37.73
C LEU D 154 -44.55 7.63 37.38
N GLN D 155 -44.45 7.34 36.08
CA GLN D 155 -44.27 5.99 35.58
C GLN D 155 -42.81 5.78 35.22
N SER D 156 -42.28 4.62 35.58
CA SER D 156 -40.98 4.25 35.02
C SER D 156 -40.92 2.74 34.89
N GLY D 157 -40.18 2.29 33.88
CA GLY D 157 -40.06 0.88 33.59
C GLY D 157 -41.07 0.34 32.61
N ASN D 158 -42.11 1.10 32.26
CA ASN D 158 -43.15 0.58 31.36
C ASN D 158 -43.30 1.43 30.09
N SER D 159 -42.23 2.10 29.68
CA SER D 159 -42.21 2.82 28.42
C SER D 159 -40.93 2.51 27.66
N GLN D 160 -40.98 2.73 26.34
CA GLN D 160 -39.81 2.65 25.47
C GLN D 160 -39.78 3.88 24.57
N GLU D 161 -38.57 4.26 24.17
CA GLU D 161 -38.28 5.46 23.39
C GLU D 161 -37.53 5.05 22.14
N SER D 162 -37.76 5.78 21.05
CA SER D 162 -37.04 5.61 19.81
C SER D 162 -36.79 6.99 19.24
N VAL D 163 -35.60 7.21 18.64
CA VAL D 163 -35.18 8.51 18.12
C VAL D 163 -34.76 8.38 16.66
N THR D 164 -35.15 9.35 15.84
CA THR D 164 -34.73 9.33 14.44
C THR D 164 -33.25 9.74 14.31
N GLU D 165 -32.68 9.42 13.14
CA GLU D 165 -31.39 9.97 12.77
C GLU D 165 -31.53 11.46 12.57
N GLN D 166 -30.44 12.18 12.84
CA GLN D 166 -30.40 13.63 12.61
C GLN D 166 -30.89 13.95 11.19
N ASP D 167 -31.87 14.85 11.09
CA ASP D 167 -32.43 15.19 9.79
C ASP D 167 -31.36 15.76 8.86
N SER D 168 -31.37 15.36 7.59
CA SER D 168 -30.34 15.82 6.68
C SER D 168 -30.56 17.26 6.22
N LYS D 169 -31.79 17.78 6.31
CA LYS D 169 -32.05 19.17 5.92
C LYS D 169 -31.99 20.13 7.11
N ASP D 170 -32.63 19.83 8.26
CA ASP D 170 -32.59 20.79 9.36
C ASP D 170 -31.78 20.32 10.57
N SER D 171 -31.19 19.13 10.53
CA SER D 171 -30.30 18.64 11.58
C SER D 171 -30.98 18.47 12.94
N THR D 172 -32.30 18.34 12.95
CA THR D 172 -33.04 18.09 14.17
C THR D 172 -33.25 16.59 14.36
N TYR D 173 -33.71 16.25 15.56
CA TYR D 173 -34.14 14.91 15.94
C TYR D 173 -35.64 14.91 16.19
N SER D 174 -36.24 13.72 16.08
CA SER D 174 -37.60 13.50 16.55
C SER D 174 -37.60 12.25 17.39
N LEU D 175 -38.52 12.20 18.37
CA LEU D 175 -38.52 11.14 19.36
C LEU D 175 -39.95 10.64 19.57
N SER D 176 -40.07 9.33 19.68
CA SER D 176 -41.32 8.65 19.97
C SER D 176 -41.15 7.93 21.31
N SER D 177 -42.09 8.15 22.23
CA SER D 177 -42.12 7.41 23.49
C SER D 177 -43.46 6.70 23.60
N THR D 178 -43.42 5.43 24.00
CA THR D 178 -44.61 4.60 24.05
C THR D 178 -44.76 4.05 25.45
N LEU D 179 -45.87 4.37 26.09
CA LEU D 179 -46.22 3.85 27.39
C LEU D 179 -47.13 2.65 27.19
N THR D 180 -46.80 1.51 27.79
CA THR D 180 -47.59 0.29 27.62
C THR D 180 -48.28 -0.04 28.93
N LEU D 181 -49.60 -0.20 28.89
CA LEU D 181 -50.41 -0.60 30.04
C LEU D 181 -51.32 -1.74 29.65
N SER D 182 -51.71 -2.55 30.64
CA SER D 182 -52.83 -3.45 30.44
C SER D 182 -54.10 -2.64 30.22
N LYS D 183 -55.03 -3.21 29.46
CA LYS D 183 -56.32 -2.56 29.28
C LYS D 183 -57.01 -2.29 30.62
N ALA D 184 -56.89 -3.25 31.56
CA ALA D 184 -57.53 -3.07 32.87
C ALA D 184 -56.95 -1.87 33.62
N ASP D 185 -55.61 -1.72 33.59
CA ASP D 185 -55.00 -0.55 34.21
C ASP D 185 -55.41 0.73 33.50
N TYR D 186 -55.43 0.70 32.16
CA TYR D 186 -55.81 1.90 31.40
C TYR D 186 -57.20 2.40 31.80
N GLU D 187 -58.15 1.48 31.99
CA GLU D 187 -59.53 1.84 32.30
C GLU D 187 -59.72 2.20 33.77
N LYS D 188 -58.82 1.77 34.66
CA LYS D 188 -58.90 2.17 36.07
C LYS D 188 -58.53 3.63 36.30
N HIS D 189 -57.79 4.26 35.38
CA HIS D 189 -57.22 5.58 35.62
C HIS D 189 -57.72 6.58 34.59
N LYS D 190 -57.59 7.87 34.91
CA LYS D 190 -58.25 8.93 34.15
C LYS D 190 -57.29 9.82 33.38
N VAL D 191 -56.29 10.40 34.03
CA VAL D 191 -55.50 11.48 33.46
C VAL D 191 -54.17 10.92 32.98
N TYR D 192 -53.89 11.08 31.69
CA TYR D 192 -52.68 10.59 31.04
C TYR D 192 -51.89 11.78 30.51
N ALA D 193 -50.64 11.91 30.96
CA ALA D 193 -49.84 13.09 30.66
C ALA D 193 -48.44 12.70 30.21
N CYS D 194 -47.94 13.45 29.23
CA CYS D 194 -46.56 13.38 28.76
C CYS D 194 -45.90 14.71 29.09
N GLU D 195 -44.89 14.70 29.95
CA GLU D 195 -44.24 15.94 30.36
C GLU D 195 -42.82 15.96 29.80
N VAL D 196 -42.50 16.98 28.99
CA VAL D 196 -41.24 17.04 28.26
C VAL D 196 -40.38 18.17 28.82
N THR D 197 -39.14 17.85 29.15
CA THR D 197 -38.15 18.84 29.52
C THR D 197 -37.08 18.88 28.43
N HIS D 198 -36.70 20.07 28.02
CA HIS D 198 -35.73 20.22 26.94
C HIS D 198 -35.14 21.62 27.01
N GLN D 199 -33.86 21.72 26.67
CA GLN D 199 -33.11 22.96 26.83
C GLN D 199 -33.77 24.12 26.08
N GLY D 200 -34.41 23.85 24.96
CA GLY D 200 -35.12 24.90 24.23
C GLY D 200 -36.41 25.40 24.86
N LEU D 201 -36.83 24.82 25.97
CA LEU D 201 -38.08 25.20 26.63
C LEU D 201 -37.76 25.93 27.92
N SER D 202 -38.39 27.11 28.11
CA SER D 202 -38.20 27.83 29.37
C SER D 202 -38.88 27.10 30.53
N SER D 203 -39.95 26.36 30.27
CA SER D 203 -40.60 25.50 31.26
C SER D 203 -41.01 24.19 30.60
N PRO D 204 -41.10 23.10 31.36
CA PRO D 204 -41.53 21.83 30.77
C PRO D 204 -42.91 21.97 30.13
N VAL D 205 -43.11 21.23 29.05
CA VAL D 205 -44.38 21.22 28.34
C VAL D 205 -45.07 19.90 28.63
N THR D 206 -46.35 19.97 29.01
CA THR D 206 -47.17 18.79 29.28
C THR D 206 -48.30 18.71 28.26
N LYS D 207 -48.44 17.55 27.63
CA LYS D 207 -49.63 17.24 26.84
C LYS D 207 -50.39 16.14 27.57
N SER D 208 -51.70 16.30 27.70
CA SER D 208 -52.51 15.34 28.46
C SER D 208 -53.83 15.08 27.77
N PHE D 209 -54.47 14.00 28.19
CA PHE D 209 -55.88 13.77 27.91
C PHE D 209 -56.48 13.02 29.08
N ASN D 210 -57.81 13.08 29.19
CA ASN D 210 -58.55 12.25 30.13
C ASN D 210 -59.27 11.15 29.34
N ARG D 211 -59.11 9.91 29.81
CA ARG D 211 -59.64 8.75 29.11
C ARG D 211 -61.14 8.92 28.86
N GLY D 212 -61.53 8.84 27.58
CA GLY D 212 -62.92 8.81 27.17
C GLY D 212 -63.58 10.16 27.07
N GLU D 213 -62.98 11.09 26.32
CA GLU D 213 -63.56 12.42 26.12
C GLU D 213 -63.27 12.93 24.71
#